data_3W6P
#
_entry.id   3W6P
#
_cell.length_a   51.410
_cell.length_b   109.130
_cell.length_c   128.730
_cell.angle_alpha   90.00
_cell.angle_beta   90.00
_cell.angle_gamma   90.00
#
_symmetry.space_group_name_H-M   'P 21 21 21'
#
loop_
_entity.id
_entity.type
_entity.pdbx_description
1 polymer 'Dynamin-1-like protein'
2 non-polymer "GUANOSINE-5'-DIPHOSPHATE"
3 non-polymer 'TETRAFLUOROALUMINATE ION'
4 non-polymer 'MAGNESIUM ION'
5 non-polymer 'SODIUM ION'
6 non-polymer 'CALCIUM ION'
7 non-polymer 'TETRAETHYLENE GLYCOL'
8 water water
#
_entity_poly.entity_id   1
_entity_poly.type   'polypeptide(L)'
_entity_poly.pdbx_seq_one_letter_code
;GPMEALIPVINKLQDVFNTVGADIIQLPQIVVVGTQSSGKSSVLESLVGRDLLPRGTGIVTRRPLILQLVHVSQEDKRKT
TGEENGVEAEEWGKFLHTKNKLYTDFDEIRQEIENETERISGNNKGVSPEPIHLKIFSPNVVNLTLVDLPGMTKVPVGDQ
PKDIELQIRELILRFISNPNSIILAVTAANTDMATSEALKISREVDPDGRRTLAVITKLDLMDAGTDAMDVLMGRVIPVK
LGIIGVVNRSQLDINNKKSVTDSIRDEYAFLQKKYPSLANRNGTKYLARTLNRLLMHHIRDCLPELKTRINVLAAQYQSL
LNSYGEPVDDKHGTDSRRKEAADMLKALQGASQIIAEIRETHLW
;
_entity_poly.pdbx_strand_id   A,B
#
# COMPACT_ATOMS: atom_id res chain seq x y z
N GLY A 1 2.57 -30.36 -10.22
CA GLY A 1 2.62 -29.15 -9.35
C GLY A 1 3.59 -29.31 -8.19
N PRO A 2 3.75 -28.25 -7.38
CA PRO A 2 4.69 -28.27 -6.27
C PRO A 2 4.14 -28.91 -4.99
N MET A 3 2.86 -29.29 -5.00
CA MET A 3 2.18 -29.84 -3.81
C MET A 3 1.67 -31.29 -3.99
N GLU A 4 2.54 -32.16 -4.49
CA GLU A 4 2.17 -33.57 -4.67
C GLU A 4 2.57 -34.44 -3.48
N ALA A 5 3.40 -33.92 -2.58
CA ALA A 5 4.02 -34.74 -1.52
C ALA A 5 3.03 -35.48 -0.61
N LEU A 6 1.86 -34.89 -0.35
CA LEU A 6 0.86 -35.48 0.54
C LEU A 6 0.05 -36.62 -0.06
N ILE A 7 0.13 -36.80 -1.39
CA ILE A 7 -0.65 -37.85 -2.05
C ILE A 7 -0.54 -39.22 -1.34
N PRO A 8 0.68 -39.75 -1.17
CA PRO A 8 0.76 -41.09 -0.58
C PRO A 8 0.30 -41.14 0.87
N VAL A 9 0.43 -40.03 1.58
CA VAL A 9 -0.02 -39.95 2.98
C VAL A 9 -1.55 -40.00 3.08
N ILE A 10 -2.23 -39.17 2.30
CA ILE A 10 -3.70 -39.16 2.30
C ILE A 10 -4.28 -40.48 1.78
N ASN A 11 -3.59 -41.11 0.82
CA ASN A 11 -4.01 -42.44 0.34
C ASN A 11 -4.09 -43.46 1.46
N LYS A 12 -3.04 -43.55 2.28
CA LYS A 12 -3.07 -44.48 3.39
C LYS A 12 -3.98 -44.01 4.52
N LEU A 13 -4.13 -42.69 4.69
CA LEU A 13 -5.08 -42.16 5.65
C LEU A 13 -6.51 -42.59 5.27
N GLN A 14 -6.79 -42.53 3.97
CA GLN A 14 -8.08 -42.95 3.43
C GLN A 14 -8.34 -44.44 3.69
N ASP A 15 -7.30 -45.26 3.51
CA ASP A 15 -7.37 -46.70 3.79
C ASP A 15 -7.81 -46.97 5.22
N VAL A 16 -7.30 -46.19 6.16
CA VAL A 16 -7.62 -46.32 7.58
C VAL A 16 -9.07 -45.94 7.87
N PHE A 17 -9.52 -44.83 7.28
CA PHE A 17 -10.90 -44.39 7.48
C PHE A 17 -11.92 -45.36 6.91
N ASN A 18 -11.60 -45.94 5.75
CA ASN A 18 -12.41 -47.00 5.14
C ASN A 18 -12.55 -48.23 6.04
N THR A 19 -11.43 -48.62 6.65
CA THR A 19 -11.35 -49.78 7.54
C THR A 19 -12.20 -49.58 8.79
N VAL A 20 -12.21 -48.35 9.32
CA VAL A 20 -12.98 -47.98 10.51
C VAL A 20 -14.43 -47.61 10.16
N GLY A 21 -14.68 -47.33 8.88
CA GLY A 21 -16.03 -46.99 8.41
C GLY A 21 -16.44 -45.57 8.76
N ALA A 22 -15.45 -44.71 9.00
CA ALA A 22 -15.68 -43.32 9.34
C ALA A 22 -15.37 -42.42 8.15
N ASP A 23 -15.93 -41.20 8.15
CA ASP A 23 -15.65 -40.22 7.11
C ASP A 23 -14.25 -39.65 7.34
N ILE A 24 -13.44 -39.58 6.28
CA ILE A 24 -12.11 -38.96 6.37
C ILE A 24 -12.24 -37.49 6.72
N ILE A 25 -11.29 -37.00 7.52
CA ILE A 25 -11.26 -35.59 7.93
C ILE A 25 -11.09 -34.67 6.73
N GLN A 26 -11.52 -33.42 6.89
CA GLN A 26 -11.21 -32.40 5.91
C GLN A 26 -9.98 -31.63 6.32
N LEU A 27 -9.01 -31.58 5.40
CA LEU A 27 -7.85 -30.73 5.54
C LEU A 27 -8.36 -29.29 5.65
N PRO A 28 -7.64 -28.42 6.38
CA PRO A 28 -8.10 -27.03 6.42
C PRO A 28 -8.10 -26.40 5.03
N GLN A 29 -9.05 -25.49 4.79
CA GLN A 29 -9.07 -24.66 3.59
C GLN A 29 -7.84 -23.78 3.58
N ILE A 30 -7.26 -23.55 2.41
CA ILE A 30 -6.16 -22.59 2.29
C ILE A 30 -6.74 -21.33 1.66
N VAL A 31 -6.67 -20.22 2.38
CA VAL A 31 -7.35 -18.98 1.98
C VAL A 31 -6.35 -17.87 1.78
N VAL A 32 -6.40 -17.23 0.61
CA VAL A 32 -5.48 -16.14 0.33
C VAL A 32 -6.11 -14.76 0.67
N VAL A 33 -5.36 -13.95 1.42
CA VAL A 33 -5.85 -12.64 1.88
C VAL A 33 -4.80 -11.54 1.66
N GLY A 34 -5.29 -10.33 1.42
CA GLY A 34 -4.40 -9.20 1.29
C GLY A 34 -5.02 -8.09 0.48
N THR A 35 -4.26 -7.01 0.33
CA THR A 35 -4.66 -5.85 -0.46
C THR A 35 -4.94 -6.23 -1.93
N GLN A 36 -5.84 -5.47 -2.56
CA GLN A 36 -6.08 -5.60 -3.98
C GLN A 36 -4.76 -5.57 -4.77
N SER A 37 -4.63 -6.52 -5.69
CA SER A 37 -3.48 -6.65 -6.60
C SER A 37 -2.13 -6.93 -5.95
N SER A 38 -2.15 -7.45 -4.73
CA SER A 38 -0.94 -7.89 -4.05
C SER A 38 -0.34 -9.16 -4.68
N GLY A 39 -1.11 -9.84 -5.54
CA GLY A 39 -0.63 -11.04 -6.24
C GLY A 39 -1.21 -12.35 -5.71
N LYS A 40 -2.41 -12.28 -5.14
CA LYS A 40 -3.02 -13.39 -4.45
C LYS A 40 -3.41 -14.54 -5.35
N SER A 41 -4.13 -14.22 -6.42
CA SER A 41 -4.54 -15.26 -7.39
C SER A 41 -3.30 -15.90 -8.02
N SER A 42 -2.27 -15.11 -8.25
CA SER A 42 -1.01 -15.63 -8.80
C SER A 42 -0.39 -16.64 -7.85
N VAL A 43 -0.39 -16.32 -6.55
CA VAL A 43 0.10 -17.25 -5.53
C VAL A 43 -0.75 -18.51 -5.44
N LEU A 44 -2.08 -18.33 -5.40
CA LEU A 44 -2.94 -19.48 -5.17
C LEU A 44 -2.84 -20.52 -6.28
N GLU A 45 -2.86 -20.06 -7.53
CA GLU A 45 -2.80 -21.00 -8.65
C GLU A 45 -1.42 -21.66 -8.77
N SER A 46 -0.38 -21.02 -8.22
CA SER A 46 0.97 -21.63 -8.25
C SER A 46 1.04 -22.93 -7.43
N LEU A 47 0.11 -23.08 -6.48
CA LEU A 47 -0.02 -24.32 -5.70
C LEU A 47 -0.61 -25.47 -6.53
N VAL A 48 -1.31 -25.12 -7.61
CA VAL A 48 -1.87 -26.10 -8.55
C VAL A 48 -0.89 -26.33 -9.71
N GLY A 49 -0.25 -25.26 -10.17
CA GLY A 49 0.73 -25.36 -11.27
C GLY A 49 0.07 -25.30 -12.63
N ARG A 50 -1.23 -25.05 -12.63
CA ARG A 50 -1.99 -24.79 -13.85
C ARG A 50 -2.58 -23.38 -13.78
N ASP A 51 -2.64 -22.71 -14.93
CA ASP A 51 -3.08 -21.32 -14.96
C ASP A 51 -4.59 -21.16 -15.09
N LEU A 52 -5.31 -21.40 -14.01
CA LEU A 52 -6.76 -21.38 -14.07
C LEU A 52 -7.44 -20.12 -13.54
N LEU A 53 -6.68 -19.25 -12.87
CA LEU A 53 -7.28 -18.08 -12.22
C LEU A 53 -7.04 -16.78 -12.98
N PRO A 54 -8.11 -15.98 -13.18
CA PRO A 54 -7.94 -14.67 -13.78
C PRO A 54 -7.06 -13.78 -12.91
N ARG A 55 -6.08 -13.13 -13.55
CA ARG A 55 -5.12 -12.28 -12.85
C ARG A 55 -5.02 -10.95 -13.56
N GLY A 56 -4.60 -9.93 -12.81
CA GLY A 56 -4.28 -8.62 -13.38
C GLY A 56 -4.31 -7.47 -12.40
N THR A 57 -3.88 -6.30 -12.88
CA THR A 57 -4.00 -5.07 -12.11
C THR A 57 -5.43 -4.55 -12.20
N GLY A 58 -5.73 -3.65 -11.29
CA GLY A 58 -7.10 -3.27 -11.03
C GLY A 58 -7.77 -4.49 -10.42
N ILE A 59 -9.06 -4.34 -10.17
CA ILE A 59 -9.82 -5.40 -9.54
C ILE A 59 -10.17 -6.47 -10.56
N VAL A 60 -9.73 -7.68 -10.26
CA VAL A 60 -9.98 -8.81 -11.17
C VAL A 60 -10.84 -9.85 -10.45
N THR A 61 -10.33 -10.42 -9.35
CA THR A 61 -11.15 -11.34 -8.52
C THR A 61 -12.24 -10.52 -7.84
N ARG A 62 -13.50 -10.85 -8.16
CA ARG A 62 -14.65 -10.09 -7.68
C ARG A 62 -15.74 -10.95 -7.02
N ARG A 63 -15.45 -12.24 -6.90
CA ARG A 63 -16.29 -13.20 -6.18
C ARG A 63 -15.36 -14.19 -5.52
N PRO A 64 -15.77 -14.79 -4.39
CA PRO A 64 -14.96 -15.91 -3.87
C PRO A 64 -14.93 -17.06 -4.86
N LEU A 65 -13.79 -17.72 -4.96
CA LEU A 65 -13.69 -18.96 -5.69
C LEU A 65 -13.32 -20.04 -4.71
N ILE A 66 -14.21 -21.02 -4.56
CA ILE A 66 -13.94 -22.17 -3.74
C ILE A 66 -13.46 -23.25 -4.71
N LEU A 67 -12.15 -23.42 -4.73
CA LEU A 67 -11.46 -24.32 -5.64
C LEU A 67 -11.14 -25.62 -4.91
N GLN A 68 -11.95 -26.64 -5.17
CA GLN A 68 -11.78 -27.93 -4.52
C GLN A 68 -10.96 -28.85 -5.41
N LEU A 69 -9.76 -29.20 -4.95
CA LEU A 69 -8.95 -30.17 -5.64
C LEU A 69 -9.44 -31.55 -5.22
N VAL A 70 -9.68 -32.39 -6.21
CA VAL A 70 -10.25 -33.71 -5.97
C VAL A 70 -9.30 -34.76 -6.51
N HIS A 71 -8.79 -35.58 -5.60
CA HIS A 71 -7.88 -36.65 -5.96
C HIS A 71 -8.65 -37.73 -6.72
N VAL A 72 -8.16 -38.08 -7.90
CA VAL A 72 -8.81 -39.06 -8.75
C VAL A 72 -8.19 -40.43 -8.53
N SER A 73 -9.04 -41.38 -8.15
CA SER A 73 -8.67 -42.78 -7.94
C SER A 73 -8.40 -43.46 -9.28
N GLN A 74 -7.55 -44.48 -9.26
CA GLN A 74 -7.13 -45.18 -10.46
C GLN A 74 -8.24 -46.08 -11.01
N GLU A 91 -6.16 -34.11 -16.46
CA GLU A 91 -6.77 -33.27 -15.43
C GLU A 91 -7.99 -32.56 -16.01
N TRP A 92 -9.07 -32.48 -15.22
CA TRP A 92 -10.30 -31.82 -15.68
C TRP A 92 -11.06 -31.07 -14.59
N GLY A 93 -11.85 -30.08 -15.01
CA GLY A 93 -12.62 -29.26 -14.09
C GLY A 93 -14.12 -29.42 -14.23
N LYS A 94 -14.83 -29.19 -13.14
CA LYS A 94 -16.28 -29.10 -13.14
C LYS A 94 -16.71 -27.93 -12.27
N PHE A 95 -17.59 -27.10 -12.82
CA PHE A 95 -18.25 -26.04 -12.05
C PHE A 95 -19.63 -26.52 -11.64
N LEU A 96 -19.99 -26.22 -10.40
CA LEU A 96 -21.34 -26.50 -9.90
C LEU A 96 -22.45 -25.88 -10.77
N HIS A 97 -22.15 -24.77 -11.44
CA HIS A 97 -23.16 -24.05 -12.23
C HIS A 97 -23.29 -24.50 -13.69
N THR A 98 -22.29 -25.20 -14.21
CA THR A 98 -22.36 -25.76 -15.57
C THR A 98 -22.67 -27.27 -15.56
N LYS A 99 -23.14 -27.73 -14.40
CA LYS A 99 -23.46 -29.14 -14.14
C LYS A 99 -22.39 -30.09 -14.68
N ASN A 100 -22.79 -31.05 -15.51
CA ASN A 100 -21.97 -32.18 -15.90
C ASN A 100 -20.86 -31.92 -16.91
N LYS A 101 -20.81 -30.71 -17.47
CA LYS A 101 -19.75 -30.34 -18.40
C LYS A 101 -18.39 -30.48 -17.72
N LEU A 102 -17.50 -31.23 -18.37
CA LEU A 102 -16.15 -31.43 -17.86
C LEU A 102 -15.20 -30.63 -18.73
N TYR A 103 -14.36 -29.83 -18.07
CA TYR A 103 -13.43 -28.94 -18.76
C TYR A 103 -12.03 -29.51 -18.76
N THR A 104 -11.49 -29.81 -19.93
CA THR A 104 -10.09 -30.27 -20.04
C THR A 104 -9.16 -29.14 -20.46
N ASP A 105 -9.75 -28.03 -20.88
CA ASP A 105 -9.01 -26.87 -21.35
C ASP A 105 -8.98 -25.81 -20.24
N PHE A 106 -7.81 -25.59 -19.67
CA PHE A 106 -7.69 -24.74 -18.47
C PHE A 106 -7.82 -23.24 -18.77
N ASP A 107 -7.47 -22.84 -19.98
CA ASP A 107 -7.76 -21.48 -20.45
C ASP A 107 -9.27 -21.23 -20.48
N GLU A 108 -10.03 -22.26 -20.88
CA GLU A 108 -11.50 -22.18 -20.89
C GLU A 108 -12.07 -22.12 -19.46
N ILE A 109 -11.44 -22.84 -18.52
CA ILE A 109 -11.84 -22.76 -17.10
C ILE A 109 -11.65 -21.32 -16.60
N ARG A 110 -10.48 -20.76 -16.91
CA ARG A 110 -10.16 -19.38 -16.52
C ARG A 110 -11.17 -18.39 -17.10
N GLN A 111 -11.42 -18.52 -18.40
CA GLN A 111 -12.44 -17.70 -19.05
C GLN A 111 -13.82 -17.87 -18.40
N GLU A 112 -14.14 -19.07 -17.93
CA GLU A 112 -15.46 -19.28 -17.33
C GLU A 112 -15.56 -18.65 -15.93
N ILE A 113 -14.45 -18.59 -15.21
CA ILE A 113 -14.44 -17.85 -13.95
C ILE A 113 -14.73 -16.37 -14.23
N GLU A 114 -14.13 -15.83 -15.29
CA GLU A 114 -14.37 -14.43 -15.70
C GLU A 114 -15.83 -14.22 -16.11
N ASN A 115 -16.35 -15.13 -16.92
CA ASN A 115 -17.75 -15.04 -17.38
C ASN A 115 -18.74 -15.09 -16.20
N GLU A 116 -18.53 -16.06 -15.30
CA GLU A 116 -19.41 -16.28 -14.17
C GLU A 116 -19.32 -15.10 -13.18
N THR A 117 -18.13 -14.51 -13.07
CA THR A 117 -17.95 -13.29 -12.27
C THR A 117 -18.80 -12.15 -12.84
N GLU A 118 -18.79 -12.01 -14.16
CA GLU A 118 -19.54 -10.93 -14.79
C GLU A 118 -21.05 -11.16 -14.66
N ARG A 119 -21.45 -12.43 -14.72
CA ARG A 119 -22.88 -12.78 -14.64
C ARG A 119 -23.51 -12.25 -13.34
N ILE A 120 -22.78 -12.42 -12.23
CA ILE A 120 -23.30 -12.08 -10.92
C ILE A 120 -22.87 -10.69 -10.45
N SER A 121 -21.62 -10.34 -10.72
CA SER A 121 -21.03 -9.10 -10.20
C SER A 121 -21.15 -7.92 -11.17
N GLY A 122 -21.61 -8.19 -12.39
CA GLY A 122 -21.70 -7.16 -13.42
C GLY A 122 -20.37 -6.90 -14.11
N ASN A 123 -20.38 -5.91 -15.00
CA ASN A 123 -19.23 -5.63 -15.86
C ASN A 123 -18.56 -4.29 -15.54
N ASN A 124 -18.77 -3.80 -14.32
CA ASN A 124 -18.20 -2.52 -13.91
C ASN A 124 -17.70 -2.52 -12.45
N LYS A 125 -16.83 -3.49 -12.16
CA LYS A 125 -16.00 -3.51 -10.95
C LYS A 125 -16.72 -3.88 -9.64
N GLY A 126 -18.00 -4.24 -9.74
CA GLY A 126 -18.76 -4.65 -8.56
C GLY A 126 -18.28 -5.98 -8.01
N VAL A 127 -18.53 -6.20 -6.71
CA VAL A 127 -18.08 -7.38 -6.00
C VAL A 127 -19.28 -8.09 -5.37
N SER A 128 -19.33 -9.41 -5.51
CA SER A 128 -20.39 -10.21 -4.89
C SER A 128 -19.80 -11.25 -3.94
N PRO A 129 -20.44 -11.45 -2.78
CA PRO A 129 -20.00 -12.51 -1.86
C PRO A 129 -20.41 -13.94 -2.28
N GLU A 130 -21.23 -14.07 -3.33
CA GLU A 130 -21.67 -15.40 -3.80
C GLU A 130 -20.48 -16.17 -4.38
N PRO A 131 -20.14 -17.33 -3.80
CA PRO A 131 -18.99 -18.07 -4.30
C PRO A 131 -19.19 -18.78 -5.63
N ILE A 132 -18.11 -18.86 -6.40
CA ILE A 132 -18.02 -19.76 -7.54
C ILE A 132 -17.43 -21.08 -7.04
N HIS A 133 -18.11 -22.17 -7.36
CA HIS A 133 -17.67 -23.51 -6.96
C HIS A 133 -17.07 -24.25 -8.15
N LEU A 134 -15.79 -24.58 -8.01
CA LEU A 134 -15.04 -25.28 -9.04
C LEU A 134 -14.30 -26.44 -8.42
N LYS A 135 -14.47 -27.61 -9.03
CA LYS A 135 -13.68 -28.80 -8.72
C LYS A 135 -12.66 -29.05 -9.80
N ILE A 136 -11.42 -29.31 -9.39
CA ILE A 136 -10.38 -29.77 -10.31
C ILE A 136 -10.02 -31.22 -9.94
N PHE A 137 -10.30 -32.13 -10.88
CA PHE A 137 -10.02 -33.55 -10.71
C PHE A 137 -8.66 -33.89 -11.28
N SER A 138 -7.82 -34.55 -10.48
CA SER A 138 -6.47 -34.88 -10.92
C SER A 138 -5.87 -36.04 -10.11
N PRO A 139 -5.06 -36.89 -10.77
CA PRO A 139 -4.31 -37.89 -10.01
C PRO A 139 -3.10 -37.27 -9.31
N ASN A 140 -2.75 -36.05 -9.69
CA ASN A 140 -1.57 -35.39 -9.13
C ASN A 140 -1.91 -34.32 -8.08
N VAL A 141 -3.14 -34.37 -7.55
CA VAL A 141 -3.54 -33.47 -6.46
C VAL A 141 -4.00 -34.25 -5.24
N VAL A 142 -3.90 -33.62 -4.07
CA VAL A 142 -4.52 -34.12 -2.86
C VAL A 142 -5.90 -33.47 -2.72
N ASN A 143 -6.79 -34.08 -1.94
CA ASN A 143 -8.08 -33.49 -1.62
C ASN A 143 -7.87 -32.26 -0.75
N LEU A 144 -8.02 -31.09 -1.35
CA LEU A 144 -7.71 -29.83 -0.69
C LEU A 144 -8.58 -28.73 -1.26
N THR A 145 -9.02 -27.83 -0.39
CA THR A 145 -9.81 -26.69 -0.83
C THR A 145 -8.98 -25.42 -0.74
N LEU A 146 -8.89 -24.73 -1.86
CA LEU A 146 -8.23 -23.44 -1.96
C LEU A 146 -9.29 -22.38 -2.18
N VAL A 147 -9.15 -21.25 -1.48
CA VAL A 147 -10.15 -20.20 -1.56
C VAL A 147 -9.50 -18.91 -2.05
N ASP A 148 -9.93 -18.43 -3.23
CA ASP A 148 -9.44 -17.17 -3.77
C ASP A 148 -10.44 -16.07 -3.43
N LEU A 149 -9.94 -14.91 -3.04
CA LEU A 149 -10.81 -13.83 -2.58
C LEU A 149 -10.41 -12.48 -3.17
N PRO A 150 -11.38 -11.57 -3.36
CA PRO A 150 -11.01 -10.19 -3.71
C PRO A 150 -10.12 -9.56 -2.64
N GLY A 151 -9.22 -8.68 -3.08
CA GLY A 151 -8.33 -7.98 -2.15
C GLY A 151 -8.97 -6.74 -1.55
N MET A 152 -8.43 -6.32 -0.42
CA MET A 152 -8.96 -5.16 0.30
C MET A 152 -8.68 -3.86 -0.47
N THR A 153 -9.58 -2.89 -0.31
CA THR A 153 -9.55 -1.65 -1.08
C THR A 153 -9.85 -0.45 -0.18
N LYS A 154 -9.85 0.75 -0.77
CA LYS A 154 -10.00 1.99 0.01
C LYS A 154 -11.00 2.98 -0.56
N VAL A 155 -11.07 3.06 -1.89
CA VAL A 155 -11.92 4.05 -2.56
C VAL A 155 -12.82 3.32 -3.55
N PRO A 156 -14.16 3.48 -3.42
CA PRO A 156 -15.05 2.80 -4.35
C PRO A 156 -14.83 3.23 -5.80
N VAL A 157 -14.92 2.26 -6.71
CA VAL A 157 -14.84 2.52 -8.16
C VAL A 157 -15.98 1.82 -8.90
N GLY A 158 -16.27 2.29 -10.11
CA GLY A 158 -17.34 1.68 -10.92
C GLY A 158 -18.65 1.60 -10.19
N ASP A 159 -19.24 0.41 -10.16
CA ASP A 159 -20.53 0.09 -9.52
C ASP A 159 -20.47 -0.07 -8.01
N GLN A 160 -19.27 -0.02 -7.45
CA GLN A 160 -19.11 -0.32 -6.03
C GLN A 160 -19.80 0.69 -5.12
N PRO A 161 -20.52 0.19 -4.10
CA PRO A 161 -21.17 1.07 -3.12
C PRO A 161 -20.17 1.76 -2.19
N LYS A 162 -20.64 2.75 -1.44
CA LYS A 162 -19.80 3.54 -0.54
C LYS A 162 -19.06 2.67 0.49
N ASP A 163 -19.67 1.57 0.90
CA ASP A 163 -19.08 0.72 1.93
C ASP A 163 -18.39 -0.53 1.37
N ILE A 164 -17.90 -0.44 0.14
CA ILE A 164 -17.25 -1.58 -0.52
C ILE A 164 -16.09 -2.15 0.32
N GLU A 165 -15.32 -1.27 0.96
CA GLU A 165 -14.19 -1.74 1.76
C GLU A 165 -14.64 -2.70 2.85
N LEU A 166 -15.66 -2.28 3.62
CA LEU A 166 -16.19 -3.12 4.69
C LEU A 166 -16.79 -4.41 4.14
N GLN A 167 -17.46 -4.32 2.99
CA GLN A 167 -18.05 -5.51 2.35
C GLN A 167 -16.99 -6.54 1.99
N ILE A 168 -15.87 -6.06 1.44
CA ILE A 168 -14.80 -6.98 1.08
C ILE A 168 -14.15 -7.53 2.35
N ARG A 169 -13.92 -6.67 3.33
CA ARG A 169 -13.24 -7.09 4.54
C ARG A 169 -14.05 -8.12 5.32
N GLU A 170 -15.37 -7.94 5.37
CA GLU A 170 -16.25 -8.88 6.08
C GLU A 170 -16.41 -10.18 5.31
N LEU A 171 -16.31 -10.09 3.98
CA LEU A 171 -16.28 -11.28 3.14
C LEU A 171 -15.05 -12.13 3.47
N ILE A 172 -13.89 -11.49 3.58
CA ILE A 172 -12.66 -12.17 3.95
C ILE A 172 -12.80 -12.80 5.34
N LEU A 173 -13.30 -12.01 6.29
CA LEU A 173 -13.47 -12.49 7.65
C LEU A 173 -14.39 -13.70 7.76
N ARG A 174 -15.43 -13.74 6.93
CA ARG A 174 -16.33 -14.90 6.89
C ARG A 174 -15.55 -16.19 6.59
N PHE A 175 -14.53 -16.09 5.75
CA PHE A 175 -13.70 -17.25 5.44
C PHE A 175 -12.61 -17.55 6.45
N ILE A 176 -11.83 -16.55 6.84
CA ILE A 176 -10.65 -16.82 7.66
C ILE A 176 -10.95 -16.92 9.16
N SER A 177 -12.15 -16.54 9.57
CA SER A 177 -12.56 -16.74 10.96
C SER A 177 -12.82 -18.22 11.29
N ASN A 178 -12.98 -19.03 10.25
CA ASN A 178 -13.07 -20.49 10.35
C ASN A 178 -11.77 -21.02 10.96
N PRO A 179 -11.83 -21.64 12.17
CA PRO A 179 -10.59 -22.10 12.78
C PRO A 179 -9.89 -23.20 11.98
N ASN A 180 -10.63 -23.88 11.12
CA ASN A 180 -10.07 -24.89 10.19
C ASN A 180 -9.72 -24.30 8.83
N SER A 181 -8.99 -23.19 8.87
CA SER A 181 -8.40 -22.61 7.67
C SER A 181 -6.97 -22.19 7.90
N ILE A 182 -6.16 -22.29 6.86
CA ILE A 182 -4.80 -21.78 6.88
C ILE A 182 -4.82 -20.50 6.06
N ILE A 183 -4.26 -19.44 6.63
CA ILE A 183 -4.31 -18.13 5.96
C ILE A 183 -2.98 -17.85 5.27
N LEU A 184 -3.05 -17.64 3.95
CA LEU A 184 -1.87 -17.17 3.22
C LEU A 184 -1.98 -15.66 3.18
N ALA A 185 -1.18 -15.02 4.02
CA ALA A 185 -1.20 -13.57 4.18
C ALA A 185 -0.24 -12.99 3.16
N VAL A 186 -0.80 -12.41 2.10
CA VAL A 186 -0.01 -11.95 0.94
C VAL A 186 0.25 -10.46 1.01
N THR A 187 1.53 -10.09 0.95
CA THR A 187 1.95 -8.68 0.92
C THR A 187 2.98 -8.49 -0.19
N ALA A 188 2.80 -7.45 -1.00
CA ALA A 188 3.78 -7.12 -2.05
C ALA A 188 5.07 -6.57 -1.47
N ALA A 189 6.21 -6.98 -2.06
CA ALA A 189 7.52 -6.55 -1.60
C ALA A 189 7.81 -5.08 -1.88
N ASN A 190 7.12 -4.50 -2.86
CA ASN A 190 7.30 -3.09 -3.20
C ASN A 190 6.39 -2.18 -2.37
N THR A 191 5.96 -2.69 -1.23
CA THR A 191 5.30 -1.90 -0.20
C THR A 191 6.01 -2.21 1.12
N ASP A 192 5.91 -1.32 2.11
CA ASP A 192 6.52 -1.60 3.41
C ASP A 192 5.75 -2.71 4.12
N MET A 193 6.48 -3.64 4.73
CA MET A 193 5.84 -4.76 5.40
C MET A 193 4.86 -4.30 6.50
N ALA A 194 5.18 -3.19 7.18
CA ALA A 194 4.31 -2.68 8.23
C ALA A 194 2.93 -2.23 7.73
N THR A 195 2.82 -2.05 6.40
CA THR A 195 1.53 -1.69 5.78
C THR A 195 0.72 -2.90 5.34
N SER A 196 1.14 -4.10 5.76
CA SER A 196 0.46 -5.33 5.34
C SER A 196 -0.97 -5.41 5.88
N GLU A 197 -1.93 -5.24 5.00
CA GLU A 197 -3.32 -5.47 5.35
C GLU A 197 -3.57 -6.95 5.60
N ALA A 198 -2.84 -7.82 4.90
CA ALA A 198 -2.98 -9.27 5.09
C ALA A 198 -2.61 -9.67 6.51
N LEU A 199 -1.49 -9.15 6.99
CA LEU A 199 -1.05 -9.51 8.35
C LEU A 199 -1.92 -8.86 9.43
N LYS A 200 -2.37 -7.63 9.20
CA LYS A 200 -3.31 -7.00 10.15
C LYS A 200 -4.57 -7.84 10.32
N ILE A 201 -5.20 -8.23 9.22
CA ILE A 201 -6.45 -9.00 9.30
C ILE A 201 -6.20 -10.42 9.84
N SER A 202 -5.07 -11.02 9.47
CA SER A 202 -4.71 -12.36 9.97
C SER A 202 -4.58 -12.38 11.49
N ARG A 203 -3.95 -11.35 12.05
CA ARG A 203 -3.75 -11.26 13.50
C ARG A 203 -5.05 -11.07 14.27
N GLU A 204 -6.08 -10.55 13.59
CA GLU A 204 -7.40 -10.39 14.20
C GLU A 204 -8.08 -11.72 14.50
N VAL A 205 -7.96 -12.66 13.56
CA VAL A 205 -8.60 -13.98 13.69
C VAL A 205 -7.65 -15.05 14.22
N ASP A 206 -6.34 -14.81 14.07
CA ASP A 206 -5.29 -15.74 14.48
C ASP A 206 -4.22 -14.99 15.26
N PRO A 207 -4.58 -14.48 16.45
CA PRO A 207 -3.66 -13.60 17.18
C PRO A 207 -2.31 -14.21 17.55
N ASP A 208 -2.24 -15.53 17.75
CA ASP A 208 -0.96 -16.14 18.13
C ASP A 208 -0.24 -16.79 16.94
N GLY A 209 -0.77 -16.57 15.73
CA GLY A 209 -0.09 -17.01 14.50
C GLY A 209 0.02 -18.50 14.29
N ARG A 210 -0.92 -19.27 14.84
CA ARG A 210 -0.89 -20.72 14.70
C ARG A 210 -1.26 -21.23 13.30
N ARG A 211 -1.81 -20.34 12.47
CA ARG A 211 -2.34 -20.77 11.16
C ARG A 211 -2.20 -19.70 10.07
N THR A 212 -1.21 -18.83 10.25
CA THR A 212 -0.93 -17.75 9.30
C THR A 212 0.47 -17.92 8.73
N LEU A 213 0.55 -17.98 7.41
CA LEU A 213 1.81 -18.07 6.73
C LEU A 213 1.96 -16.85 5.82
N ALA A 214 3.07 -16.13 5.97
CA ALA A 214 3.26 -14.88 5.23
C ALA A 214 3.95 -15.12 3.90
N VAL A 215 3.37 -14.59 2.83
CA VAL A 215 3.98 -14.66 1.51
C VAL A 215 4.32 -13.23 1.06
N ILE A 216 5.53 -13.04 0.56
CA ILE A 216 5.96 -11.75 0.06
C ILE A 216 6.15 -11.89 -1.43
N THR A 217 5.30 -11.21 -2.19
CA THR A 217 5.30 -11.34 -3.65
C THR A 217 6.12 -10.21 -4.27
N LYS A 218 6.36 -10.27 -5.58
CA LYS A 218 6.89 -9.14 -6.33
C LYS A 218 8.29 -8.69 -5.86
N LEU A 219 9.11 -9.63 -5.38
CA LEU A 219 10.50 -9.29 -5.01
C LEU A 219 11.22 -8.59 -6.16
N ASP A 220 10.87 -8.97 -7.38
CA ASP A 220 11.52 -8.45 -8.58
C ASP A 220 11.21 -6.97 -8.85
N LEU A 221 10.19 -6.43 -8.17
CA LEU A 221 9.76 -5.05 -8.43
C LEU A 221 10.25 -4.04 -7.40
N MET A 222 11.04 -4.51 -6.43
CA MET A 222 11.59 -3.59 -5.44
C MET A 222 12.48 -2.51 -6.06
N ASP A 223 12.34 -1.28 -5.54
CA ASP A 223 13.17 -0.14 -5.93
C ASP A 223 14.66 -0.48 -5.84
N ALA A 224 15.43 -0.04 -6.85
CA ALA A 224 16.89 -0.19 -6.78
C ALA A 224 17.42 0.44 -5.50
N GLY A 225 18.38 -0.22 -4.86
CA GLY A 225 18.91 0.23 -3.58
C GLY A 225 18.12 -0.25 -2.38
N THR A 226 17.12 -1.10 -2.63
CA THR A 226 16.34 -1.73 -1.56
C THR A 226 16.25 -3.22 -1.79
N ASP A 227 16.02 -3.97 -0.71
CA ASP A 227 15.73 -5.40 -0.82
C ASP A 227 14.94 -5.88 0.37
N ALA A 228 14.48 -7.12 0.29
CA ALA A 228 13.61 -7.68 1.29
C ALA A 228 14.35 -8.56 2.32
N MET A 229 15.66 -8.36 2.48
CA MET A 229 16.41 -9.22 3.40
C MET A 229 15.87 -9.20 4.83
N ASP A 230 15.67 -8.00 5.38
CA ASP A 230 15.18 -7.87 6.76
C ASP A 230 13.78 -8.45 6.89
N VAL A 231 12.94 -8.21 5.88
CA VAL A 231 11.59 -8.76 5.85
C VAL A 231 11.64 -10.30 5.89
N LEU A 232 12.41 -10.89 4.99
CA LEU A 232 12.47 -12.35 4.88
C LEU A 232 13.17 -13.03 6.05
N MET A 233 13.96 -12.26 6.81
CA MET A 233 14.64 -12.82 7.98
C MET A 233 13.85 -12.60 9.28
N GLY A 234 12.64 -12.06 9.15
CA GLY A 234 11.78 -11.87 10.32
C GLY A 234 12.18 -10.70 11.19
N ARG A 235 12.95 -9.77 10.62
CA ARG A 235 13.45 -8.62 11.37
C ARG A 235 12.55 -7.36 11.30
N VAL A 236 11.49 -7.43 10.50
CA VAL A 236 10.49 -6.35 10.47
C VAL A 236 9.28 -6.78 11.29
N ILE A 237 8.43 -7.64 10.72
CA ILE A 237 7.33 -8.23 11.47
C ILE A 237 7.63 -9.72 11.62
N PRO A 238 7.69 -10.22 12.86
CA PRO A 238 7.90 -11.66 13.03
C PRO A 238 6.63 -12.42 12.68
N VAL A 239 6.79 -13.51 11.93
CA VAL A 239 5.68 -14.40 11.60
C VAL A 239 6.11 -15.84 11.90
N LYS A 240 5.49 -16.43 12.91
CA LYS A 240 5.93 -17.71 13.46
C LYS A 240 6.11 -18.83 12.45
N LEU A 241 5.13 -19.00 11.58
CA LEU A 241 5.11 -20.14 10.65
C LEU A 241 6.00 -19.95 9.43
N GLY A 242 6.42 -18.71 9.20
CA GLY A 242 7.31 -18.42 8.08
C GLY A 242 6.94 -17.19 7.28
N ILE A 243 7.95 -16.63 6.62
CA ILE A 243 7.80 -15.53 5.68
C ILE A 243 8.53 -15.96 4.43
N ILE A 244 7.77 -16.20 3.36
CA ILE A 244 8.31 -16.82 2.16
C ILE A 244 8.16 -15.90 0.97
N GLY A 245 9.27 -15.56 0.34
CA GLY A 245 9.27 -14.67 -0.81
C GLY A 245 9.10 -15.46 -2.10
N VAL A 246 8.33 -14.90 -3.03
CA VAL A 246 8.06 -15.55 -4.33
C VAL A 246 8.17 -14.52 -5.45
N VAL A 247 8.41 -15.01 -6.67
CA VAL A 247 8.42 -14.15 -7.87
C VAL A 247 7.52 -14.78 -8.93
N ASN A 248 6.33 -14.22 -9.06
CA ASN A 248 5.39 -14.68 -10.06
C ASN A 248 5.46 -13.83 -11.33
N ARG A 249 4.64 -14.18 -12.31
CA ARG A 249 4.69 -13.52 -13.61
C ARG A 249 4.22 -12.07 -13.59
N SER A 250 4.97 -11.20 -14.26
CA SER A 250 4.56 -9.81 -14.48
C SER A 250 3.36 -9.77 -15.41
N GLN A 251 2.75 -8.60 -15.54
CA GLN A 251 1.61 -8.47 -16.44
C GLN A 251 2.06 -8.71 -17.89
N LEU A 252 3.25 -8.24 -18.22
CA LEU A 252 3.86 -8.50 -19.53
C LEU A 252 3.97 -9.99 -19.80
N ASP A 253 4.46 -10.73 -18.80
CA ASP A 253 4.61 -12.19 -18.87
C ASP A 253 3.26 -12.87 -19.08
N ILE A 254 2.23 -12.39 -18.37
CA ILE A 254 0.88 -12.92 -18.55
C ILE A 254 0.38 -12.65 -19.97
N ASN A 255 0.56 -11.42 -20.43
CA ASN A 255 0.18 -11.05 -21.79
C ASN A 255 0.87 -11.93 -22.84
N ASN A 256 2.15 -12.22 -22.60
CA ASN A 256 2.97 -13.01 -23.53
C ASN A 256 2.84 -14.53 -23.33
N LYS A 257 1.97 -14.94 -22.41
CA LYS A 257 1.67 -16.34 -22.16
C LYS A 257 2.88 -17.15 -21.69
N LYS A 258 3.81 -16.48 -20.98
CA LYS A 258 4.95 -17.18 -20.36
C LYS A 258 4.45 -18.35 -19.50
N SER A 259 5.10 -19.51 -19.64
CA SER A 259 4.70 -20.72 -18.93
C SER A 259 5.05 -20.73 -17.44
N VAL A 260 4.37 -21.61 -16.71
CA VAL A 260 4.67 -21.89 -15.32
C VAL A 260 6.12 -22.38 -15.15
N THR A 261 6.55 -23.31 -16.00
CA THR A 261 7.92 -23.80 -15.94
C THR A 261 8.93 -22.66 -16.02
N ASP A 262 8.71 -21.74 -16.93
CA ASP A 262 9.65 -20.63 -17.12
C ASP A 262 9.57 -19.66 -15.95
N SER A 263 8.37 -19.44 -15.43
CA SER A 263 8.18 -18.58 -14.25
C SER A 263 9.01 -19.11 -13.08
N ILE A 264 8.86 -20.40 -12.81
CA ILE A 264 9.54 -21.05 -11.68
C ILE A 264 11.06 -21.00 -11.87
N ARG A 265 11.52 -21.28 -13.09
CA ARG A 265 12.96 -21.24 -13.40
C ARG A 265 13.54 -19.86 -13.11
N ASP A 266 12.81 -18.83 -13.54
CA ASP A 266 13.30 -17.47 -13.37
C ASP A 266 13.21 -17.02 -11.92
N GLU A 267 12.22 -17.53 -11.19
CA GLU A 267 12.10 -17.24 -9.76
C GLU A 267 13.31 -17.84 -9.05
N TYR A 268 13.63 -19.09 -9.38
CA TYR A 268 14.81 -19.74 -8.79
C TYR A 268 16.07 -18.90 -9.03
N ALA A 269 16.27 -18.49 -10.28
CA ALA A 269 17.43 -17.72 -10.69
C ALA A 269 17.51 -16.36 -10.00
N PHE A 270 16.35 -15.71 -9.86
CA PHE A 270 16.28 -14.44 -9.16
C PHE A 270 16.71 -14.59 -7.70
N LEU A 271 16.19 -15.61 -7.02
CA LEU A 271 16.56 -15.84 -5.61
C LEU A 271 18.05 -16.16 -5.44
N GLN A 272 18.62 -16.93 -6.35
CA GLN A 272 20.08 -17.23 -6.29
C GLN A 272 20.91 -15.97 -6.47
N LYS A 273 20.46 -15.09 -7.36
CA LYS A 273 21.19 -13.87 -7.67
C LYS A 273 21.09 -12.81 -6.56
N LYS A 274 19.87 -12.55 -6.08
CA LYS A 274 19.64 -11.45 -5.16
C LYS A 274 19.52 -11.84 -3.68
N TYR A 275 19.20 -13.10 -3.42
CA TYR A 275 19.02 -13.61 -2.04
C TYR A 275 19.72 -14.95 -1.83
N PRO A 276 20.99 -15.09 -2.26
CA PRO A 276 21.62 -16.41 -2.23
C PRO A 276 21.64 -17.10 -0.85
N SER A 277 21.82 -16.32 0.22
CA SER A 277 21.90 -16.87 1.57
C SER A 277 20.53 -17.34 2.09
N LEU A 278 19.46 -16.86 1.45
CA LEU A 278 18.10 -17.21 1.86
C LEU A 278 17.33 -18.04 0.84
N ALA A 279 17.93 -18.29 -0.32
CA ALA A 279 17.21 -18.88 -1.46
C ALA A 279 16.58 -20.24 -1.18
N ASN A 280 17.26 -21.07 -0.40
CA ASN A 280 16.79 -22.40 -0.06
C ASN A 280 15.58 -22.40 0.88
N ARG A 281 15.20 -21.23 1.39
CA ARG A 281 14.05 -21.10 2.27
C ARG A 281 13.02 -20.11 1.67
N ASN A 282 13.10 -19.94 0.37
CA ASN A 282 12.17 -19.06 -0.35
C ASN A 282 11.81 -19.64 -1.69
N GLY A 283 10.83 -19.02 -2.35
CA GLY A 283 10.36 -19.52 -3.65
C GLY A 283 9.12 -20.37 -3.53
N THR A 284 8.51 -20.67 -4.67
CA THR A 284 7.21 -21.31 -4.72
C THR A 284 7.25 -22.77 -4.25
N LYS A 285 8.31 -23.50 -4.59
CA LYS A 285 8.45 -24.89 -4.14
C LYS A 285 8.54 -24.95 -2.61
N TYR A 286 9.26 -24.01 -2.02
CA TYR A 286 9.38 -23.96 -0.56
C TYR A 286 8.07 -23.57 0.08
N LEU A 287 7.32 -22.69 -0.57
CA LEU A 287 5.98 -22.34 -0.08
C LEU A 287 5.12 -23.60 0.00
N ALA A 288 5.15 -24.37 -1.09
CA ALA A 288 4.39 -25.62 -1.15
C ALA A 288 4.82 -26.60 -0.04
N ARG A 289 6.13 -26.75 0.15
CA ARG A 289 6.68 -27.64 1.19
C ARG A 289 6.27 -27.20 2.59
N THR A 290 6.27 -25.89 2.81
CA THR A 290 5.88 -25.33 4.10
C THR A 290 4.41 -25.59 4.39
N LEU A 291 3.57 -25.42 3.36
CA LEU A 291 2.16 -25.72 3.50
C LEU A 291 1.94 -27.21 3.73
N ASN A 292 2.70 -28.06 3.03
CA ASN A 292 2.60 -29.50 3.26
C ASN A 292 2.88 -29.87 4.71
N ARG A 293 3.89 -29.23 5.30
CA ARG A 293 4.25 -29.46 6.71
C ARG A 293 3.13 -29.03 7.66
N LEU A 294 2.49 -27.89 7.35
CA LEU A 294 1.37 -27.43 8.16
C LEU A 294 0.19 -28.36 8.06
N LEU A 295 -0.05 -28.87 6.85
CA LEU A 295 -1.14 -29.82 6.64
C LEU A 295 -0.87 -31.15 7.35
N MET A 296 0.38 -31.61 7.32
CA MET A 296 0.77 -32.80 8.08
C MET A 296 0.50 -32.67 9.57
N HIS A 297 0.73 -31.48 10.12
CA HIS A 297 0.43 -31.22 11.53
C HIS A 297 -1.04 -31.50 11.80
N HIS A 298 -1.93 -30.95 10.96
CA HIS A 298 -3.37 -31.22 11.07
C HIS A 298 -3.73 -32.69 10.97
N ILE A 299 -3.07 -33.40 10.06
CA ILE A 299 -3.30 -34.84 9.91
C ILE A 299 -2.91 -35.56 11.19
N ARG A 300 -1.76 -35.21 11.76
CA ARG A 300 -1.30 -35.85 12.99
C ARG A 300 -2.27 -35.60 14.15
N ASP A 301 -2.93 -34.45 14.15
CA ASP A 301 -3.91 -34.13 15.19
C ASP A 301 -5.21 -34.93 15.09
N CYS A 302 -5.50 -35.49 13.91
CA CYS A 302 -6.69 -36.33 13.71
C CYS A 302 -6.47 -37.76 14.18
N LEU A 303 -5.21 -38.14 14.32
CA LEU A 303 -4.85 -39.55 14.56
C LEU A 303 -5.28 -40.10 15.93
N PRO A 304 -5.18 -39.31 17.02
CA PRO A 304 -5.65 -39.85 18.30
C PRO A 304 -7.10 -40.35 18.27
N GLU A 305 -8.01 -39.55 17.67
CA GLU A 305 -9.42 -39.96 17.49
C GLU A 305 -9.53 -41.27 16.69
N LEU A 306 -8.76 -41.36 15.60
CA LEU A 306 -8.72 -42.57 14.77
C LEU A 306 -8.23 -43.79 15.53
N LYS A 307 -7.18 -43.59 16.33
CA LYS A 307 -6.60 -44.63 17.18
C LYS A 307 -7.63 -45.24 18.13
N THR A 308 -8.37 -44.38 18.81
CA THR A 308 -9.39 -44.81 19.78
C THR A 308 -10.50 -45.59 19.10
N ARG A 309 -10.86 -45.18 17.89
CA ARG A 309 -11.87 -45.86 17.07
C ARG A 309 -11.46 -47.30 16.69
N ILE A 310 -10.20 -47.47 16.29
CA ILE A 310 -9.66 -48.78 15.94
C ILE A 310 -9.74 -49.73 17.13
N ASN A 311 -9.32 -49.23 18.31
CA ASN A 311 -9.30 -50.02 19.54
C ASN A 311 -10.70 -50.47 19.98
N VAL A 312 -11.69 -49.62 19.73
CA VAL A 312 -13.08 -49.94 20.02
C VAL A 312 -13.55 -51.12 19.16
N LEU A 313 -13.29 -51.05 17.85
CA LEU A 313 -13.68 -52.10 16.91
C LEU A 313 -12.88 -53.39 17.07
N ALA A 314 -11.64 -53.28 17.55
CA ALA A 314 -10.77 -54.43 17.76
C ALA A 314 -11.31 -55.35 18.87
N ALA A 315 -11.55 -54.78 20.05
CA ALA A 315 -12.13 -55.50 21.18
C ALA A 315 -13.55 -55.98 20.88
N GLN A 316 -14.24 -55.27 19.98
CA GLN A 316 -15.56 -55.62 19.50
C GLN A 316 -15.52 -56.87 18.62
N TYR A 317 -14.54 -56.93 17.72
CA TYR A 317 -14.35 -58.06 16.83
C TYR A 317 -13.67 -59.27 17.50
N GLN A 318 -12.89 -59.00 18.54
CA GLN A 318 -12.19 -60.06 19.27
C GLN A 318 -13.10 -60.78 20.27
N SER A 319 -14.16 -60.10 20.69
CA SER A 319 -15.18 -60.72 21.56
C SER A 319 -15.98 -61.76 20.78
N LEU A 320 -16.14 -61.52 19.48
CA LEU A 320 -16.82 -62.44 18.57
C LEU A 320 -16.02 -63.73 18.38
N LEU A 321 -16.31 -64.73 19.22
CA LEU A 321 -15.66 -66.04 19.16
C LEU A 321 -16.51 -67.15 19.76
N ARG A 337 -18.86 -66.00 8.96
CA ARG A 337 -18.92 -65.30 10.24
C ARG A 337 -17.55 -65.23 10.91
N ARG A 338 -16.89 -66.39 11.01
CA ARG A 338 -15.60 -66.51 11.70
C ARG A 338 -14.44 -65.93 10.89
N LYS A 339 -14.46 -66.17 9.58
CA LYS A 339 -13.43 -65.64 8.68
C LYS A 339 -13.51 -64.12 8.59
N GLU A 340 -14.73 -63.60 8.54
CA GLU A 340 -14.99 -62.15 8.48
C GLU A 340 -14.40 -61.40 9.68
N ALA A 341 -14.55 -61.99 10.86
CA ALA A 341 -14.04 -61.40 12.11
C ALA A 341 -12.52 -61.53 12.23
N ALA A 342 -11.97 -62.60 11.66
CA ALA A 342 -10.52 -62.82 11.68
C ALA A 342 -9.79 -61.88 10.71
N ASP A 343 -10.45 -61.57 9.58
CA ASP A 343 -9.91 -60.65 8.57
C ASP A 343 -9.92 -59.20 9.05
N MET A 344 -11.04 -58.78 9.64
CA MET A 344 -11.19 -57.42 10.17
C MET A 344 -10.26 -57.15 11.37
N LEU A 345 -9.94 -58.19 12.12
CA LEU A 345 -9.01 -58.09 13.25
C LEU A 345 -7.59 -57.83 12.76
N LYS A 346 -7.25 -58.40 11.61
CA LYS A 346 -5.95 -58.18 10.97
C LYS A 346 -5.90 -56.84 10.24
N ALA A 347 -7.04 -56.43 9.67
CA ALA A 347 -7.15 -55.15 8.97
C ALA A 347 -7.13 -53.95 9.92
N LEU A 348 -7.58 -54.16 11.15
CA LEU A 348 -7.50 -53.15 12.20
C LEU A 348 -6.07 -52.98 12.69
N GLN A 349 -5.37 -54.11 12.83
CA GLN A 349 -3.93 -54.12 13.13
C GLN A 349 -3.13 -53.36 12.07
N GLY A 350 -3.47 -53.59 10.80
CA GLY A 350 -2.86 -52.87 9.68
C GLY A 350 -3.08 -51.37 9.78
N ALA A 351 -4.32 -50.98 10.09
CA ALA A 351 -4.67 -49.58 10.27
C ALA A 351 -3.88 -48.91 11.40
N SER A 352 -3.67 -49.62 12.51
CA SER A 352 -2.87 -49.11 13.63
C SER A 352 -1.44 -48.84 13.16
N GLN A 353 -0.89 -49.79 12.41
CA GLN A 353 0.45 -49.70 11.85
C GLN A 353 0.57 -48.51 10.89
N ILE A 354 -0.42 -48.33 10.02
CA ILE A 354 -0.47 -47.19 9.11
C ILE A 354 -0.49 -45.84 9.86
N ILE A 355 -1.27 -45.75 10.94
CA ILE A 355 -1.26 -44.54 11.77
C ILE A 355 0.16 -44.21 12.27
N ALA A 356 0.86 -45.21 12.81
CA ALA A 356 2.25 -45.05 13.24
C ALA A 356 3.12 -44.54 12.10
N GLU A 357 2.95 -45.12 10.92
CA GLU A 357 3.73 -44.74 9.75
C GLU A 357 3.51 -43.27 9.38
N ILE A 358 2.25 -42.85 9.44
CA ILE A 358 1.90 -41.45 9.11
C ILE A 358 2.63 -40.48 10.07
N ARG A 359 2.62 -40.81 11.36
CA ARG A 359 3.35 -40.03 12.37
C ARG A 359 4.86 -39.94 12.14
N GLU A 360 5.39 -40.95 11.46
CA GLU A 360 6.83 -41.06 11.27
C GLU A 360 7.29 -40.56 9.90
N THR A 361 6.34 -40.11 9.08
CA THR A 361 6.64 -39.75 7.70
C THR A 361 7.25 -38.35 7.63
N HIS A 362 8.36 -38.25 6.88
CA HIS A 362 9.01 -36.97 6.59
C HIS A 362 8.62 -36.52 5.20
N LEU A 363 8.23 -35.25 5.09
CA LEU A 363 7.85 -34.70 3.79
C LEU A 363 8.87 -33.72 3.21
N TRP A 364 9.07 -33.82 1.89
CA TRP A 364 9.92 -32.90 1.14
C TRP A 364 9.40 -32.81 -0.29
N GLY B 1 14.10 26.76 -6.92
CA GLY B 1 13.02 25.72 -6.84
C GLY B 1 11.90 26.03 -7.83
N PRO B 2 10.89 25.13 -7.91
CA PRO B 2 9.83 25.22 -8.91
C PRO B 2 8.66 26.10 -8.52
N MET B 3 8.68 26.68 -7.32
CA MET B 3 7.59 27.50 -6.80
C MET B 3 7.99 28.95 -6.54
N GLU B 4 8.70 29.54 -7.49
CA GLU B 4 9.09 30.95 -7.32
C GLU B 4 8.12 31.94 -7.98
N ALA B 5 7.18 31.45 -8.79
CA ALA B 5 6.34 32.36 -9.58
C ALA B 5 5.59 33.41 -8.74
N LEU B 6 5.14 33.04 -7.55
CA LEU B 6 4.33 33.95 -6.74
C LEU B 6 5.13 35.02 -6.01
N ILE B 7 6.46 34.94 -6.04
CA ILE B 7 7.29 35.90 -5.30
C ILE B 7 6.93 37.38 -5.56
N PRO B 8 6.81 37.81 -6.84
CA PRO B 8 6.49 39.24 -7.06
C PRO B 8 5.12 39.63 -6.50
N VAL B 9 4.18 38.69 -6.51
CA VAL B 9 2.83 38.94 -5.97
C VAL B 9 2.86 39.08 -4.46
N ILE B 10 3.57 38.18 -3.79
CA ILE B 10 3.63 38.22 -2.34
C ILE B 10 4.52 39.36 -1.85
N ASN B 11 5.47 39.82 -2.67
CA ASN B 11 6.19 41.06 -2.36
C ASN B 11 5.23 42.26 -2.34
N LYS B 12 4.32 42.33 -3.30
CA LYS B 12 3.29 43.37 -3.33
C LYS B 12 2.35 43.24 -2.13
N LEU B 13 1.95 42.01 -1.82
CA LEU B 13 1.15 41.79 -0.61
C LEU B 13 1.88 42.28 0.63
N GLN B 14 3.19 42.04 0.69
CA GLN B 14 3.97 42.44 1.87
C GLN B 14 3.97 43.95 2.04
N ASP B 15 4.03 44.69 0.94
CA ASP B 15 3.94 46.14 0.98
C ASP B 15 2.62 46.60 1.60
N VAL B 16 1.54 45.93 1.21
CA VAL B 16 0.22 46.24 1.75
C VAL B 16 0.17 45.85 3.23
N PHE B 17 0.64 44.65 3.57
CA PHE B 17 0.67 44.21 4.97
C PHE B 17 1.46 45.16 5.86
N ASN B 18 2.58 45.67 5.35
CA ASN B 18 3.42 46.57 6.14
C ASN B 18 2.67 47.84 6.50
N THR B 19 1.85 48.32 5.56
CA THR B 19 1.07 49.54 5.74
C THR B 19 -0.10 49.29 6.70
N VAL B 20 -0.83 48.21 6.47
CA VAL B 20 -2.01 47.90 7.29
C VAL B 20 -1.65 47.34 8.66
N GLY B 21 -0.41 46.88 8.82
CA GLY B 21 0.10 46.42 10.12
C GLY B 21 -0.30 45.01 10.50
N ALA B 22 -0.74 44.22 9.51
CA ALA B 22 -1.11 42.83 9.72
C ALA B 22 -0.92 42.02 8.44
N ASP B 23 -0.48 40.77 8.58
CA ASP B 23 -0.36 39.84 7.47
C ASP B 23 -1.73 39.19 7.23
N ILE B 24 -2.63 39.99 6.66
CA ILE B 24 -4.07 39.67 6.58
C ILE B 24 -4.40 38.43 5.75
N ILE B 25 -3.69 38.22 4.65
CA ILE B 25 -3.90 37.03 3.83
C ILE B 25 -2.85 35.99 4.19
N GLN B 26 -3.31 34.83 4.64
CA GLN B 26 -2.46 33.67 4.90
C GLN B 26 -2.73 32.58 3.85
N LEU B 27 -1.68 32.14 3.19
CA LEU B 27 -1.80 31.07 2.21
C LEU B 27 -2.16 29.77 2.91
N PRO B 28 -2.95 28.91 2.24
CA PRO B 28 -3.23 27.61 2.85
C PRO B 28 -1.96 26.83 3.10
N GLN B 29 -1.97 26.00 4.14
CA GLN B 29 -0.85 25.10 4.42
C GLN B 29 -0.92 23.98 3.41
N ILE B 30 0.23 23.51 2.94
CA ILE B 30 0.23 22.38 2.01
C ILE B 30 0.67 21.14 2.79
N VAL B 31 -0.21 20.15 2.84
CA VAL B 31 -0.02 18.99 3.71
C VAL B 31 0.03 17.71 2.90
N VAL B 32 1.09 16.90 3.09
CA VAL B 32 1.20 15.63 2.36
C VAL B 32 0.64 14.47 3.18
N VAL B 33 -0.18 13.64 2.54
CA VAL B 33 -0.80 12.51 3.22
C VAL B 33 -0.77 11.25 2.37
N GLY B 34 -0.75 10.09 3.02
CA GLY B 34 -0.76 8.84 2.28
C GLY B 34 -0.13 7.72 3.08
N THR B 35 -0.14 6.53 2.50
CA THR B 35 0.48 5.35 3.09
C THR B 35 1.97 5.59 3.36
N GLN B 36 2.51 4.90 4.36
CA GLN B 36 3.93 4.88 4.66
C GLN B 36 4.71 4.57 3.37
N SER B 37 5.77 5.34 3.16
CA SER B 37 6.71 5.15 2.06
C SER B 37 6.14 5.35 0.66
N SER B 38 5.00 6.04 0.57
CA SER B 38 4.43 6.39 -0.74
C SER B 38 5.23 7.45 -1.48
N GLY B 39 6.18 8.08 -0.79
CA GLY B 39 7.06 9.09 -1.42
C GLY B 39 6.68 10.51 -1.05
N LYS B 40 6.06 10.66 0.12
CA LYS B 40 5.56 11.96 0.59
C LYS B 40 6.65 12.99 0.89
N SER B 41 7.67 12.62 1.66
CA SER B 41 8.73 13.59 1.97
C SER B 41 9.48 13.97 0.69
N SER B 42 9.63 13.00 -0.21
CA SER B 42 10.28 13.25 -1.51
C SER B 42 9.51 14.29 -2.30
N VAL B 43 8.18 14.17 -2.31
CA VAL B 43 7.33 15.17 -3.00
C VAL B 43 7.42 16.53 -2.29
N LEU B 44 7.30 16.53 -0.97
CA LEU B 44 7.21 17.81 -0.26
C LEU B 44 8.49 18.62 -0.43
N GLU B 45 9.65 17.98 -0.31
CA GLU B 45 10.90 18.74 -0.46
C GLU B 45 11.17 19.17 -1.91
N SER B 46 10.55 18.50 -2.88
CA SER B 46 10.74 18.87 -4.30
C SER B 46 10.12 20.26 -4.58
N LEU B 47 9.20 20.69 -3.72
CA LEU B 47 8.60 22.01 -3.87
C LEU B 47 9.54 23.08 -3.33
N VAL B 48 10.53 22.65 -2.55
CA VAL B 48 11.60 23.54 -2.05
C VAL B 48 12.79 23.52 -3.02
N GLY B 49 13.10 22.33 -3.56
CA GLY B 49 14.25 22.16 -4.46
C GLY B 49 15.56 21.94 -3.73
N ARG B 50 15.47 21.88 -2.40
CA ARG B 50 16.61 21.56 -1.53
C ARG B 50 16.30 20.26 -0.80
N ASP B 51 17.32 19.45 -0.57
CA ASP B 51 17.17 18.12 0.02
C ASP B 51 17.20 18.10 1.55
N LEU B 52 16.16 18.65 2.16
CA LEU B 52 16.23 18.89 3.59
C LEU B 52 15.46 17.87 4.45
N LEU B 53 14.71 16.98 3.80
CA LEU B 53 13.88 16.02 4.52
C LEU B 53 14.44 14.60 4.51
N PRO B 54 14.52 13.95 5.68
CA PRO B 54 14.90 12.53 5.73
C PRO B 54 13.93 11.66 4.93
N ARG B 55 14.47 10.76 4.11
CA ARG B 55 13.71 9.90 3.22
C ARG B 55 14.20 8.47 3.36
N GLY B 56 13.33 7.51 3.04
CA GLY B 56 13.67 6.08 3.00
C GLY B 56 12.49 5.13 3.12
N THR B 57 12.76 3.85 2.84
CA THR B 57 11.79 2.78 3.06
C THR B 57 11.80 2.46 4.53
N GLY B 58 10.77 1.75 4.97
CA GLY B 58 10.48 1.68 6.38
C GLY B 58 10.00 3.06 6.83
N ILE B 59 9.65 3.14 8.10
CA ILE B 59 9.15 4.38 8.66
C ILE B 59 10.33 5.32 8.88
N VAL B 60 10.22 6.52 8.31
CA VAL B 60 11.28 7.52 8.42
C VAL B 60 10.72 8.78 9.08
N THR B 61 9.71 9.39 8.46
CA THR B 61 9.06 10.53 9.09
C THR B 61 8.24 9.99 10.27
N ARG B 62 8.55 10.46 11.48
CA ARG B 62 7.90 9.93 12.70
C ARG B 62 7.36 11.00 13.64
N ARG B 63 7.45 12.26 13.22
CA ARG B 63 6.85 13.41 13.89
C ARG B 63 6.38 14.35 12.77
N PRO B 64 5.34 15.18 13.03
CA PRO B 64 5.01 16.20 12.03
C PRO B 64 6.19 17.14 11.88
N LEU B 65 6.44 17.59 10.65
CA LEU B 65 7.35 18.72 10.44
C LEU B 65 6.54 19.89 9.90
N ILE B 66 6.52 20.98 10.66
CA ILE B 66 5.91 22.21 10.18
C ILE B 66 7.04 23.04 9.60
N LEU B 67 7.11 23.04 8.26
CA LEU B 67 8.16 23.69 7.51
C LEU B 67 7.64 25.02 6.98
N GLN B 68 8.02 26.10 7.65
CA GLN B 68 7.58 27.42 7.27
C GLN B 68 8.62 28.06 6.35
N LEU B 69 8.28 28.26 5.07
CA LEU B 69 9.15 29.00 4.18
C LEU B 69 8.89 30.48 4.45
N VAL B 70 9.98 31.22 4.63
CA VAL B 70 9.89 32.65 4.94
C VAL B 70 10.66 33.44 3.88
N HIS B 71 9.94 34.28 3.15
CA HIS B 71 10.58 35.09 2.13
C HIS B 71 11.43 36.17 2.79
N VAL B 72 12.65 36.34 2.31
CA VAL B 72 13.58 37.33 2.84
C VAL B 72 13.87 38.43 1.82
N SER B 73 13.63 39.67 2.26
CA SER B 73 13.88 40.89 1.49
C SER B 73 15.36 41.07 1.20
N GLN B 74 15.68 42.02 0.33
CA GLN B 74 17.07 42.33 0.03
C GLN B 74 17.78 43.01 1.21
N GLU B 75 16.99 43.70 2.04
CA GLU B 75 17.49 44.32 3.28
C GLU B 75 18.03 43.31 4.30
N ASP B 76 17.25 42.27 4.55
CA ASP B 76 17.57 41.24 5.55
C ASP B 76 18.40 40.08 4.97
N LYS B 77 18.69 40.18 3.67
CA LYS B 77 19.40 39.14 2.92
C LYS B 77 20.83 38.91 3.42
N ARG B 78 21.37 37.72 3.16
CA ARG B 78 22.75 37.39 3.49
C ARG B 78 23.75 38.14 2.61
N VAL B 87 23.04 29.79 -4.95
CA VAL B 87 23.99 29.11 -4.08
C VAL B 87 23.37 28.75 -2.71
N GLU B 88 24.22 28.28 -1.80
CA GLU B 88 23.80 27.92 -0.45
C GLU B 88 24.03 29.10 0.51
N ALA B 89 24.75 30.11 0.03
CA ALA B 89 25.13 31.27 0.82
C ALA B 89 24.03 32.35 0.93
N GLU B 90 22.82 32.04 0.46
CA GLU B 90 21.71 33.00 0.48
C GLU B 90 20.53 32.51 1.31
N GLU B 91 20.56 31.26 1.72
CA GLU B 91 19.43 30.62 2.39
C GLU B 91 19.89 30.02 3.71
N TRP B 92 19.01 30.05 4.71
CA TRP B 92 19.31 29.45 5.99
C TRP B 92 18.07 28.96 6.73
N GLY B 93 18.30 28.16 7.77
CA GLY B 93 17.22 27.58 8.56
C GLY B 93 17.37 27.83 10.05
N LYS B 94 16.24 27.84 10.75
CA LYS B 94 16.18 27.91 12.22
C LYS B 94 15.13 26.92 12.69
N PHE B 95 15.45 26.20 13.77
CA PHE B 95 14.48 25.37 14.46
C PHE B 95 14.07 26.06 15.75
N LEU B 96 12.82 25.93 16.13
CA LEU B 96 12.37 26.47 17.41
C LEU B 96 13.13 25.82 18.57
N HIS B 97 13.33 24.51 18.49
CA HIS B 97 13.99 23.75 19.57
C HIS B 97 15.49 24.02 19.72
N THR B 98 16.13 24.62 18.71
CA THR B 98 17.52 25.03 18.82
C THR B 98 17.67 26.56 18.89
N LYS B 99 16.56 27.22 19.22
CA LYS B 99 16.49 28.67 19.43
C LYS B 99 17.14 29.42 18.27
N ASN B 100 18.14 30.26 18.49
CA ASN B 100 18.66 31.15 17.45
C ASN B 100 19.87 30.63 16.67
N LYS B 101 20.19 29.35 16.80
CA LYS B 101 21.19 28.71 15.95
C LYS B 101 20.76 28.79 14.48
N LEU B 102 21.68 29.23 13.61
CA LEU B 102 21.41 29.35 12.18
C LEU B 102 22.09 28.22 11.42
N TYR B 103 21.35 27.58 10.52
CA TYR B 103 21.86 26.48 9.72
C TYR B 103 21.97 26.92 8.28
N THR B 104 23.16 26.81 7.70
CA THR B 104 23.37 27.14 6.30
C THR B 104 23.54 25.90 5.43
N ASP B 105 23.88 24.77 6.08
CA ASP B 105 24.08 23.52 5.38
C ASP B 105 22.79 22.73 5.48
N PHE B 106 22.16 22.47 4.34
CA PHE B 106 20.86 21.80 4.33
C PHE B 106 20.96 20.31 4.68
N ASP B 107 22.13 19.72 4.48
CA ASP B 107 22.39 18.36 4.95
C ASP B 107 22.35 18.29 6.48
N GLU B 108 22.81 19.36 7.14
CA GLU B 108 22.80 19.45 8.59
C GLU B 108 21.37 19.68 9.12
N ILE B 109 20.58 20.39 8.32
CA ILE B 109 19.17 20.59 8.63
C ILE B 109 18.45 19.24 8.57
N ARG B 110 18.74 18.47 7.54
CA ARG B 110 18.19 17.12 7.41
C ARG B 110 18.59 16.26 8.62
N GLN B 111 19.87 16.30 8.99
CA GLN B 111 20.34 15.51 10.12
C GLN B 111 19.67 15.94 11.43
N GLU B 112 19.46 17.25 11.61
CA GLU B 112 18.80 17.74 12.83
C GLU B 112 17.35 17.30 12.92
N ILE B 113 16.67 17.15 11.78
CA ILE B 113 15.32 16.59 11.82
C ILE B 113 15.38 15.17 12.35
N GLU B 114 16.35 14.39 11.88
CA GLU B 114 16.54 13.02 12.36
C GLU B 114 16.89 13.04 13.86
N ASN B 115 17.79 13.94 14.24
CA ASN B 115 18.21 14.08 15.64
C ASN B 115 17.03 14.34 16.58
N GLU B 116 16.21 15.32 16.21
CA GLU B 116 15.12 15.79 17.06
C GLU B 116 13.97 14.79 17.06
N THR B 117 13.84 14.05 15.96
CA THR B 117 12.92 12.92 15.92
C THR B 117 13.34 11.85 16.92
N GLU B 118 14.63 11.52 16.92
CA GLU B 118 15.16 10.49 17.82
C GLU B 118 15.06 10.89 19.30
N ARG B 119 15.25 12.17 19.59
CA ARG B 119 15.16 12.64 20.97
C ARG B 119 13.80 12.38 21.59
N ILE B 120 12.74 12.72 20.86
CA ILE B 120 11.37 12.61 21.35
C ILE B 120 10.76 11.23 21.09
N SER B 121 11.07 10.65 19.93
CA SER B 121 10.41 9.40 19.50
C SER B 121 11.21 8.13 19.70
N GLY B 122 12.47 8.25 20.12
CA GLY B 122 13.34 7.09 20.29
C GLY B 122 13.97 6.68 18.97
N ASN B 123 14.77 5.61 19.04
CA ASN B 123 15.50 5.09 17.87
C ASN B 123 15.01 3.72 17.37
N ASN B 124 13.79 3.35 17.77
CA ASN B 124 13.18 2.09 17.33
C ASN B 124 11.74 2.28 16.82
N LYS B 125 11.60 3.19 15.85
CA LYS B 125 10.37 3.32 15.05
C LYS B 125 9.16 3.97 15.73
N GLY B 126 9.31 4.42 16.98
CA GLY B 126 8.24 5.12 17.67
C GLY B 126 7.83 6.42 16.97
N VAL B 127 6.59 6.83 17.18
CA VAL B 127 6.02 8.04 16.58
C VAL B 127 5.51 9.02 17.65
N SER B 128 5.70 10.31 17.44
CA SER B 128 5.15 11.33 18.32
C SER B 128 4.34 12.35 17.53
N PRO B 129 3.22 12.83 18.09
CA PRO B 129 2.42 13.86 17.45
C PRO B 129 3.01 15.27 17.64
N GLU B 130 4.03 15.42 18.48
CA GLU B 130 4.61 16.74 18.75
C GLU B 130 5.37 17.23 17.50
N PRO B 131 4.96 18.39 16.94
CA PRO B 131 5.63 18.81 15.71
C PRO B 131 7.04 19.32 15.92
N ILE B 132 7.88 19.15 14.90
CA ILE B 132 9.14 19.87 14.80
C ILE B 132 8.87 21.15 14.02
N HIS B 133 9.37 22.28 14.52
CA HIS B 133 9.11 23.57 13.86
C HIS B 133 10.37 24.05 13.19
N LEU B 134 10.32 24.20 11.87
CA LEU B 134 11.46 24.65 11.09
C LEU B 134 11.09 25.82 10.20
N LYS B 135 11.91 26.87 10.22
CA LYS B 135 11.77 27.97 9.26
C LYS B 135 12.92 27.94 8.29
N ILE B 136 12.60 28.07 7.00
CA ILE B 136 13.63 28.24 5.98
C ILE B 136 13.51 29.64 5.40
N PHE B 137 14.56 30.43 5.57
CA PHE B 137 14.60 31.81 5.08
C PHE B 137 15.31 31.88 3.75
N SER B 138 14.67 32.52 2.76
CA SER B 138 15.24 32.59 1.42
C SER B 138 14.63 33.71 0.58
N PRO B 139 15.44 34.34 -0.29
CA PRO B 139 14.87 35.22 -1.30
C PRO B 139 14.15 34.44 -2.42
N ASN B 140 14.37 33.13 -2.49
CA ASN B 140 13.80 32.27 -3.54
C ASN B 140 12.50 31.56 -3.18
N VAL B 141 11.94 31.87 -2.03
CA VAL B 141 10.70 31.19 -1.58
C VAL B 141 9.61 32.21 -1.26
N VAL B 142 8.37 31.75 -1.33
CA VAL B 142 7.22 32.56 -0.88
C VAL B 142 6.97 32.26 0.60
N ASN B 143 6.09 33.02 1.23
CA ASN B 143 5.67 32.71 2.61
C ASN B 143 4.61 31.62 2.58
N LEU B 144 5.00 30.42 2.98
CA LEU B 144 4.18 29.23 2.77
C LEU B 144 4.59 28.17 3.78
N THR B 145 3.60 27.49 4.35
CA THR B 145 3.84 26.44 5.31
C THR B 145 3.57 25.09 4.65
N LEU B 146 4.58 24.23 4.70
CA LEU B 146 4.49 22.88 4.19
C LEU B 146 4.50 21.97 5.39
N VAL B 147 3.66 20.94 5.36
CA VAL B 147 3.58 20.04 6.52
C VAL B 147 3.90 18.61 6.10
N ASP B 148 4.98 18.06 6.66
CA ASP B 148 5.36 16.67 6.43
C ASP B 148 4.76 15.82 7.55
N LEU B 149 4.24 14.65 7.21
CA LEU B 149 3.58 13.82 8.21
C LEU B 149 3.96 12.35 8.00
N PRO B 150 3.97 11.56 9.09
CA PRO B 150 4.18 10.12 8.95
C PRO B 150 3.08 9.52 8.10
N GLY B 151 3.42 8.50 7.32
CA GLY B 151 2.44 7.77 6.54
C GLY B 151 1.63 6.74 7.32
N MET B 152 0.48 6.38 6.76
CA MET B 152 -0.43 5.42 7.38
C MET B 152 0.13 4.01 7.34
N THR B 153 -0.20 3.24 8.38
CA THR B 153 0.38 1.93 8.58
C THR B 153 -0.70 0.92 9.02
N LYS B 154 -0.30 -0.33 9.22
CA LYS B 154 -1.24 -1.40 9.56
C LYS B 154 -0.84 -2.28 10.74
N VAL B 155 0.45 -2.62 10.82
CA VAL B 155 0.96 -3.54 11.86
C VAL B 155 2.05 -2.85 12.67
N PRO B 156 1.88 -2.78 14.00
CA PRO B 156 2.89 -2.14 14.83
C PRO B 156 4.27 -2.81 14.69
N VAL B 157 5.32 -1.99 14.65
CA VAL B 157 6.71 -2.46 14.60
C VAL B 157 7.56 -1.69 15.61
N GLY B 158 8.68 -2.27 16.03
CA GLY B 158 9.58 -1.62 16.99
C GLY B 158 8.88 -1.24 18.28
N ASP B 159 9.05 0.02 18.69
CA ASP B 159 8.43 0.58 19.90
C ASP B 159 6.94 0.95 19.77
N GLN B 160 6.38 0.80 18.58
CA GLN B 160 5.02 1.31 18.34
C GLN B 160 3.96 0.58 19.15
N PRO B 161 2.98 1.34 19.66
CA PRO B 161 1.91 0.73 20.42
C PRO B 161 0.90 0.02 19.53
N LYS B 162 0.00 -0.73 20.16
CA LYS B 162 -0.98 -1.52 19.43
C LYS B 162 -1.92 -0.68 18.57
N ASP B 163 -2.18 0.55 19.00
CA ASP B 163 -3.07 1.45 18.26
C ASP B 163 -2.32 2.48 17.41
N ILE B 164 -1.10 2.15 16.98
CA ILE B 164 -0.31 3.07 16.15
C ILE B 164 -1.04 3.53 14.89
N GLU B 165 -1.79 2.62 14.26
CA GLU B 165 -2.46 3.00 13.03
C GLU B 165 -3.41 4.17 13.28
N LEU B 166 -4.24 4.05 14.31
CA LEU B 166 -5.22 5.10 14.60
C LEU B 166 -4.54 6.39 15.08
N GLN B 167 -3.46 6.25 15.83
CA GLN B 167 -2.69 7.43 16.26
C GLN B 167 -2.20 8.24 15.07
N ILE B 168 -1.60 7.57 14.08
CA ILE B 168 -1.15 8.27 12.88
C ILE B 168 -2.34 8.86 12.09
N ARG B 169 -3.39 8.08 11.93
CA ARG B 169 -4.50 8.52 11.12
C ARG B 169 -5.18 9.75 11.76
N GLU B 170 -5.34 9.72 13.09
CA GLU B 170 -5.95 10.86 13.76
C GLU B 170 -5.04 12.09 13.70
N LEU B 171 -3.74 11.89 13.75
CA LEU B 171 -2.75 12.97 13.63
C LEU B 171 -2.88 13.63 12.26
N ILE B 172 -3.00 12.81 11.22
CA ILE B 172 -3.14 13.35 9.88
C ILE B 172 -4.42 14.17 9.80
N LEU B 173 -5.51 13.62 10.35
CA LEU B 173 -6.80 14.28 10.29
C LEU B 173 -6.80 15.66 10.95
N ARG B 174 -6.08 15.80 12.07
CA ARG B 174 -5.96 17.11 12.72
C ARG B 174 -5.40 18.18 11.79
N PHE B 175 -4.42 17.82 10.97
CA PHE B 175 -3.82 18.75 10.03
C PHE B 175 -4.68 19.02 8.81
N ILE B 176 -5.22 17.98 8.20
CA ILE B 176 -5.96 18.19 6.97
C ILE B 176 -7.41 18.65 7.18
N SER B 177 -7.90 18.57 8.41
CA SER B 177 -9.25 19.07 8.71
C SER B 177 -9.27 20.60 8.72
N ASN B 178 -8.09 21.22 8.81
CA ASN B 178 -7.94 22.66 8.62
C ASN B 178 -8.51 23.08 7.26
N PRO B 179 -9.60 23.88 7.26
CA PRO B 179 -10.19 24.26 5.95
C PRO B 179 -9.22 25.06 5.07
N ASN B 180 -8.30 25.81 5.68
CA ASN B 180 -7.29 26.54 4.92
C ASN B 180 -6.04 25.69 4.75
N SER B 181 -6.23 24.51 4.18
CA SER B 181 -5.10 23.68 3.75
C SER B 181 -5.38 23.04 2.40
N ILE B 182 -4.32 22.82 1.63
CA ILE B 182 -4.39 22.04 0.39
C ILE B 182 -3.75 20.70 0.69
N ILE B 183 -4.48 19.64 0.34
CA ILE B 183 -4.02 18.29 0.64
C ILE B 183 -3.34 17.69 -0.58
N LEU B 184 -2.09 17.28 -0.42
CA LEU B 184 -1.42 16.51 -1.45
C LEU B 184 -1.65 15.05 -1.12
N ALA B 185 -2.59 14.44 -1.84
CA ALA B 185 -2.96 13.05 -1.60
C ALA B 185 -2.01 12.18 -2.43
N VAL B 186 -1.05 11.57 -1.76
CA VAL B 186 0.07 10.87 -2.41
C VAL B 186 -0.22 9.36 -2.46
N THR B 187 -0.17 8.81 -3.67
CA THR B 187 -0.32 7.36 -3.90
C THR B 187 0.77 6.86 -4.83
N ALA B 188 1.38 5.73 -4.48
CA ALA B 188 2.42 5.15 -5.33
C ALA B 188 1.83 4.47 -6.56
N ALA B 189 2.49 4.63 -7.70
CA ALA B 189 1.97 4.11 -8.99
C ALA B 189 2.00 2.59 -9.06
N ASN B 190 2.86 1.98 -8.26
CA ASN B 190 3.00 0.53 -8.23
C ASN B 190 2.00 -0.14 -7.28
N THR B 191 0.93 0.59 -6.97
CA THR B 191 -0.23 0.07 -6.24
C THR B 191 -1.46 0.51 -7.02
N ASP B 192 -2.58 -0.18 -6.81
CA ASP B 192 -3.80 0.15 -7.54
C ASP B 192 -4.37 1.44 -6.95
N MET B 193 -4.85 2.34 -7.80
CA MET B 193 -5.34 3.64 -7.30
C MET B 193 -6.51 3.47 -6.32
N ALA B 194 -7.34 2.45 -6.56
CA ALA B 194 -8.47 2.18 -5.66
C ALA B 194 -8.04 1.85 -4.23
N THR B 195 -6.75 1.53 -4.05
CA THR B 195 -6.21 1.27 -2.70
C THR B 195 -5.64 2.52 -2.03
N SER B 196 -5.88 3.69 -2.60
CA SER B 196 -5.26 4.93 -2.11
C SER B 196 -5.77 5.33 -0.73
N GLU B 197 -4.94 5.16 0.28
CA GLU B 197 -5.30 5.61 1.60
C GLU B 197 -5.35 7.13 1.63
N ALA B 198 -4.50 7.75 0.82
CA ALA B 198 -4.49 9.22 0.69
C ALA B 198 -5.84 9.77 0.23
N LEU B 199 -6.40 9.21 -0.84
CA LEU B 199 -7.68 9.66 -1.35
C LEU B 199 -8.82 9.33 -0.40
N LYS B 200 -8.76 8.17 0.26
CA LYS B 200 -9.80 7.84 1.23
C LYS B 200 -9.87 8.89 2.35
N ILE B 201 -8.71 9.20 2.94
CA ILE B 201 -8.70 10.13 4.08
C ILE B 201 -9.03 11.56 3.62
N SER B 202 -8.58 11.92 2.42
CA SER B 202 -8.84 13.28 1.90
C SER B 202 -10.34 13.53 1.74
N ARG B 203 -11.06 12.52 1.26
CA ARG B 203 -12.51 12.62 1.07
C ARG B 203 -13.28 12.74 2.38
N GLU B 204 -12.69 12.28 3.48
CA GLU B 204 -13.34 12.42 4.79
C GLU B 204 -13.45 13.86 5.23
N VAL B 205 -12.44 14.67 4.89
CA VAL B 205 -12.44 16.10 5.26
C VAL B 205 -12.83 17.00 4.09
N ASP B 206 -12.63 16.50 2.87
CA ASP B 206 -12.85 17.27 1.64
C ASP B 206 -13.68 16.42 0.67
N PRO B 207 -14.95 16.16 1.03
CA PRO B 207 -15.72 15.23 0.19
C PRO B 207 -15.94 15.72 -1.24
N ASP B 208 -15.98 17.04 -1.44
CA ASP B 208 -16.26 17.66 -2.75
C ASP B 208 -14.99 17.87 -3.60
N GLY B 209 -13.82 17.56 -3.02
CA GLY B 209 -12.55 17.65 -3.72
C GLY B 209 -12.12 19.07 -4.05
N ARG B 210 -12.52 20.03 -3.23
CA ARG B 210 -12.19 21.44 -3.49
C ARG B 210 -10.76 21.81 -3.15
N ARG B 211 -10.07 20.95 -2.41
CA ARG B 211 -8.73 21.29 -1.91
C ARG B 211 -7.81 20.06 -1.82
N THR B 212 -8.11 19.07 -2.66
CA THR B 212 -7.31 17.84 -2.73
C THR B 212 -6.71 17.69 -4.10
N LEU B 213 -5.38 17.55 -4.14
CA LEU B 213 -4.67 17.35 -5.39
C LEU B 213 -4.01 15.98 -5.31
N ALA B 214 -4.27 15.12 -6.29
CA ALA B 214 -3.71 13.76 -6.30
C ALA B 214 -2.33 13.75 -6.94
N VAL B 215 -1.36 13.18 -6.23
CA VAL B 215 -0.02 12.99 -6.77
C VAL B 215 0.23 11.48 -6.87
N ILE B 216 0.73 11.05 -8.02
CA ILE B 216 1.04 9.65 -8.26
C ILE B 216 2.55 9.56 -8.40
N THR B 217 3.19 8.94 -7.41
CA THR B 217 4.65 8.86 -7.37
C THR B 217 5.11 7.53 -7.97
N LYS B 218 6.42 7.38 -8.15
CA LYS B 218 7.00 6.06 -8.48
C LYS B 218 6.49 5.49 -9.80
N LEU B 219 6.21 6.36 -10.76
CA LEU B 219 5.80 5.91 -12.10
C LEU B 219 6.83 4.96 -12.68
N ASP B 220 8.10 5.17 -12.33
CA ASP B 220 9.21 4.38 -12.88
C ASP B 220 9.24 2.94 -12.36
N LEU B 221 8.49 2.68 -11.30
CA LEU B 221 8.49 1.36 -10.65
C LEU B 221 7.35 0.43 -11.07
N MET B 222 6.53 0.89 -12.01
CA MET B 222 5.40 0.08 -12.47
C MET B 222 5.88 -1.18 -13.16
N ASP B 223 5.17 -2.28 -12.86
CA ASP B 223 5.42 -3.58 -13.49
C ASP B 223 5.38 -3.47 -15.00
N ALA B 224 6.28 -4.18 -15.67
CA ALA B 224 6.23 -4.26 -17.13
C ALA B 224 4.86 -4.77 -17.57
N GLY B 225 4.34 -4.18 -18.65
CA GLY B 225 3.01 -4.53 -19.11
C GLY B 225 1.91 -3.73 -18.46
N THR B 226 2.30 -2.78 -17.61
CA THR B 226 1.35 -1.87 -16.96
C THR B 226 1.82 -0.42 -17.11
N ASP B 227 0.86 0.49 -17.03
CA ASP B 227 1.17 1.92 -16.95
C ASP B 227 0.04 2.67 -16.29
N ALA B 228 0.28 3.96 -16.03
CA ALA B 228 -0.64 4.79 -15.28
C ALA B 228 -1.48 5.70 -16.18
N MET B 229 -1.57 5.38 -17.47
CA MET B 229 -2.36 6.23 -18.39
C MET B 229 -3.79 6.46 -17.90
N ASP B 230 -4.50 5.37 -17.61
CA ASP B 230 -5.89 5.48 -17.14
C ASP B 230 -5.97 6.29 -15.86
N VAL B 231 -5.05 6.03 -14.92
CA VAL B 231 -4.97 6.81 -13.68
C VAL B 231 -4.80 8.30 -13.94
N LEU B 232 -3.79 8.65 -14.74
CA LEU B 232 -3.45 10.05 -15.00
C LEU B 232 -4.51 10.79 -15.81
N MET B 233 -5.32 10.04 -16.56
CA MET B 233 -6.40 10.65 -17.36
C MET B 233 -7.74 10.73 -16.63
N GLY B 234 -7.76 10.35 -15.36
CA GLY B 234 -8.96 10.46 -14.53
C GLY B 234 -9.98 9.36 -14.79
N ARG B 235 -9.53 8.26 -15.38
CA ARG B 235 -10.40 7.16 -15.80
C ARG B 235 -10.54 6.05 -14.76
N VAL B 236 -9.87 6.20 -13.62
CA VAL B 236 -10.00 5.24 -12.53
C VAL B 236 -10.79 5.90 -11.40
N ILE B 237 -10.17 6.87 -10.71
CA ILE B 237 -10.87 7.72 -9.76
C ILE B 237 -10.71 9.14 -10.24
N PRO B 238 -11.82 9.86 -10.48
CA PRO B 238 -11.65 11.25 -10.88
C PRO B 238 -11.28 12.10 -9.69
N VAL B 239 -10.34 13.03 -9.90
CA VAL B 239 -9.92 13.99 -8.87
C VAL B 239 -9.97 15.39 -9.50
N LYS B 240 -10.97 16.18 -9.08
CA LYS B 240 -11.31 17.47 -9.67
C LYS B 240 -10.12 18.41 -9.96
N LEU B 241 -9.26 18.59 -8.96
CA LEU B 241 -8.18 19.55 -9.04
C LEU B 241 -6.98 19.07 -9.85
N GLY B 242 -6.90 17.76 -10.04
CA GLY B 242 -5.81 17.20 -10.84
C GLY B 242 -5.25 15.91 -10.28
N ILE B 243 -4.65 15.14 -11.19
CA ILE B 243 -3.91 13.92 -10.85
C ILE B 243 -2.59 14.10 -11.57
N ILE B 244 -1.52 14.22 -10.79
CA ILE B 244 -0.23 14.62 -11.36
C ILE B 244 0.82 13.57 -11.00
N GLY B 245 1.45 13.02 -12.03
CA GLY B 245 2.46 11.96 -11.83
C GLY B 245 3.84 12.58 -11.70
N VAL B 246 4.63 12.04 -10.78
CA VAL B 246 6.00 12.50 -10.55
C VAL B 246 6.97 11.30 -10.48
N VAL B 247 8.25 11.57 -10.73
CA VAL B 247 9.28 10.57 -10.58
C VAL B 247 10.43 11.18 -9.78
N ASN B 248 10.46 10.83 -8.51
CA ASN B 248 11.51 11.25 -7.61
C ASN B 248 12.61 10.21 -7.53
N ARG B 249 13.68 10.52 -6.80
CA ARG B 249 14.85 9.66 -6.74
C ARG B 249 14.60 8.34 -6.03
N SER B 250 15.09 7.27 -6.62
CA SER B 250 15.09 5.95 -6.01
C SER B 250 16.04 5.94 -4.81
N GLN B 251 15.97 4.89 -3.99
CA GLN B 251 16.86 4.79 -2.85
C GLN B 251 18.31 4.72 -3.33
N LEU B 252 18.53 3.99 -4.43
CA LEU B 252 19.87 3.92 -5.03
C LEU B 252 20.38 5.33 -5.37
N ASP B 253 19.50 6.12 -5.98
CA ASP B 253 19.83 7.51 -6.38
C ASP B 253 20.19 8.37 -5.16
N ILE B 254 19.42 8.23 -4.08
CA ILE B 254 19.75 8.93 -2.82
C ILE B 254 21.12 8.49 -2.28
N ASN B 255 21.36 7.17 -2.28
CA ASN B 255 22.65 6.61 -1.84
C ASN B 255 23.82 7.12 -2.69
N ASN B 256 23.54 7.34 -3.97
CA ASN B 256 24.53 7.77 -4.95
C ASN B 256 24.66 9.29 -5.04
N LYS B 257 23.91 10.00 -4.19
CA LYS B 257 23.96 11.47 -4.11
C LYS B 257 23.55 12.18 -5.41
N LYS B 258 22.66 11.53 -6.17
CA LYS B 258 22.12 12.13 -7.39
C LYS B 258 21.47 13.48 -7.08
N SER B 259 21.77 14.48 -7.92
CA SER B 259 21.33 15.84 -7.69
C SER B 259 19.84 16.05 -8.02
N VAL B 260 19.27 17.13 -7.48
CA VAL B 260 17.91 17.56 -7.84
C VAL B 260 17.79 17.86 -9.33
N THR B 261 18.77 18.57 -9.89
CA THR B 261 18.79 18.88 -11.33
C THR B 261 18.66 17.61 -12.19
N ASP B 262 19.42 16.58 -11.85
CA ASP B 262 19.36 15.33 -12.59
C ASP B 262 18.07 14.56 -12.35
N SER B 263 17.54 14.64 -11.13
CA SER B 263 16.27 13.99 -10.83
C SER B 263 15.18 14.56 -11.74
N ILE B 264 15.11 15.90 -11.83
CA ILE B 264 14.09 16.58 -12.64
C ILE B 264 14.29 16.30 -14.14
N ARG B 265 15.55 16.28 -14.58
CA ARG B 265 15.84 15.98 -15.98
C ARG B 265 15.37 14.56 -16.36
N ASP B 266 15.62 13.61 -15.46
CA ASP B 266 15.21 12.24 -15.69
C ASP B 266 13.71 12.04 -15.58
N GLU B 267 13.07 12.77 -14.67
CA GLU B 267 11.61 12.76 -14.61
C GLU B 267 11.03 13.25 -15.94
N TYR B 268 11.57 14.36 -16.44
CA TYR B 268 11.12 14.94 -17.72
C TYR B 268 11.26 13.93 -18.85
N ALA B 269 12.46 13.35 -18.96
CA ALA B 269 12.76 12.31 -19.96
C ALA B 269 11.83 11.11 -19.87
N PHE B 270 11.57 10.67 -18.64
CA PHE B 270 10.71 9.53 -18.41
C PHE B 270 9.31 9.81 -18.93
N LEU B 271 8.77 10.98 -18.59
CA LEU B 271 7.43 11.33 -19.05
C LEU B 271 7.35 11.46 -20.57
N GLN B 272 8.38 12.02 -21.21
CA GLN B 272 8.43 12.08 -22.68
C GLN B 272 8.40 10.71 -23.32
N LYS B 273 9.09 9.77 -22.70
CA LYS B 273 9.28 8.43 -23.26
C LYS B 273 8.04 7.55 -23.05
N LYS B 274 7.51 7.56 -21.83
CA LYS B 274 6.43 6.64 -21.46
C LYS B 274 5.02 7.26 -21.49
N TYR B 275 4.95 8.59 -21.38
CA TYR B 275 3.66 9.29 -21.33
C TYR B 275 3.63 10.53 -22.22
N PRO B 276 4.05 10.39 -23.51
CA PRO B 276 4.25 11.61 -24.30
C PRO B 276 3.00 12.48 -24.44
N SER B 277 1.83 11.84 -24.55
CA SER B 277 0.58 12.57 -24.77
C SER B 277 0.12 13.33 -23.53
N LEU B 278 0.65 12.95 -22.37
CA LEU B 278 0.27 13.55 -21.09
C LEU B 278 1.42 14.31 -20.41
N ALA B 279 2.61 14.26 -20.99
CA ALA B 279 3.80 14.75 -20.30
C ALA B 279 3.73 16.22 -19.87
N ASN B 280 3.12 17.06 -20.70
CA ASN B 280 3.05 18.50 -20.38
C ASN B 280 2.08 18.85 -19.25
N ARG B 281 1.31 17.85 -18.79
CA ARG B 281 0.43 18.03 -17.62
C ARG B 281 0.86 17.15 -16.45
N ASN B 282 2.12 16.74 -16.48
CA ASN B 282 2.67 15.93 -15.40
C ASN B 282 4.07 16.36 -15.06
N GLY B 283 4.60 15.82 -13.96
CA GLY B 283 5.94 16.17 -13.50
C GLY B 283 5.93 17.17 -12.36
N THR B 284 7.09 17.37 -11.76
CA THR B 284 7.22 18.20 -10.57
C THR B 284 6.94 19.68 -10.83
N LYS B 285 7.44 20.22 -11.94
CA LYS B 285 7.15 21.61 -12.26
C LYS B 285 5.66 21.84 -12.43
N TYR B 286 4.98 20.88 -13.06
CA TYR B 286 3.53 21.00 -13.24
C TYR B 286 2.76 20.93 -11.92
N LEU B 287 3.23 20.10 -11.00
CA LEU B 287 2.65 20.07 -9.66
C LEU B 287 2.79 21.46 -9.02
N ALA B 288 3.98 22.04 -9.11
CA ALA B 288 4.22 23.38 -8.57
C ALA B 288 3.32 24.45 -9.21
N ARG B 289 3.18 24.40 -10.53
CA ARG B 289 2.32 25.34 -11.27
C ARG B 289 0.87 25.23 -10.85
N THR B 290 0.40 24.00 -10.65
CA THR B 290 -0.97 23.76 -10.22
C THR B 290 -1.20 24.32 -8.82
N LEU B 291 -0.23 24.09 -7.94
CA LEU B 291 -0.30 24.64 -6.59
C LEU B 291 -0.29 26.17 -6.63
N ASN B 292 0.56 26.75 -7.46
CA ASN B 292 0.58 28.21 -7.63
C ASN B 292 -0.80 28.77 -7.99
N ARG B 293 -1.51 28.10 -8.89
CA ARG B 293 -2.83 28.56 -9.32
C ARG B 293 -3.80 28.51 -8.15
N LEU B 294 -3.73 27.45 -7.34
CA LEU B 294 -4.59 27.33 -6.17
C LEU B 294 -4.29 28.42 -5.16
N LEU B 295 -3.00 28.71 -4.98
CA LEU B 295 -2.59 29.74 -4.03
C LEU B 295 -3.03 31.12 -4.50
N MET B 296 -2.89 31.38 -5.80
CA MET B 296 -3.34 32.65 -6.39
C MET B 296 -4.85 32.81 -6.26
N HIS B 297 -5.59 31.71 -6.41
CA HIS B 297 -7.05 31.73 -6.24
C HIS B 297 -7.40 32.19 -4.82
N HIS B 298 -6.65 31.71 -3.83
CA HIS B 298 -6.94 32.11 -2.45
C HIS B 298 -6.65 33.59 -2.25
N ILE B 299 -5.53 34.06 -2.81
CA ILE B 299 -5.19 35.48 -2.72
C ILE B 299 -6.31 36.32 -3.35
N ARG B 300 -6.74 35.98 -4.56
CA ARG B 300 -7.79 36.76 -5.22
C ARG B 300 -9.08 36.79 -4.40
N ASP B 301 -9.44 35.64 -3.84
CA ASP B 301 -10.65 35.52 -3.03
C ASP B 301 -10.61 36.48 -1.84
N CYS B 302 -9.41 36.73 -1.31
CA CYS B 302 -9.25 37.50 -0.06
C CYS B 302 -9.01 38.99 -0.27
N LEU B 303 -8.88 39.42 -1.52
CA LEU B 303 -8.61 40.83 -1.79
C LEU B 303 -9.71 41.79 -1.28
N PRO B 304 -11.00 41.41 -1.42
CA PRO B 304 -12.03 42.30 -0.88
C PRO B 304 -11.89 42.55 0.62
N GLU B 305 -11.54 41.51 1.38
CA GLU B 305 -11.25 41.66 2.81
C GLU B 305 -10.13 42.66 3.02
N LEU B 306 -9.06 42.49 2.26
CA LEU B 306 -7.89 43.35 2.37
C LEU B 306 -8.23 44.79 2.00
N LYS B 307 -8.98 44.99 0.91
CA LYS B 307 -9.40 46.33 0.48
C LYS B 307 -10.24 47.00 1.57
N THR B 308 -11.17 46.24 2.13
CA THR B 308 -12.00 46.75 3.22
C THR B 308 -11.15 47.19 4.42
N ARG B 309 -10.14 46.39 4.76
CA ARG B 309 -9.25 46.74 5.86
C ARG B 309 -8.48 48.02 5.59
N ILE B 310 -8.04 48.19 4.35
CA ILE B 310 -7.38 49.43 3.93
C ILE B 310 -8.29 50.63 4.17
N ASN B 311 -9.56 50.49 3.78
CA ASN B 311 -10.55 51.57 3.89
C ASN B 311 -10.85 51.92 5.34
N VAL B 312 -10.85 50.92 6.22
CA VAL B 312 -11.05 51.15 7.65
C VAL B 312 -9.95 52.10 8.14
N LEU B 313 -8.70 51.78 7.81
CA LEU B 313 -7.57 52.62 8.19
C LEU B 313 -7.55 53.98 7.49
N ALA B 314 -7.86 54.03 6.21
CA ALA B 314 -7.88 55.29 5.46
C ALA B 314 -8.87 56.30 6.04
N ALA B 315 -10.10 55.86 6.29
CA ALA B 315 -11.12 56.72 6.91
C ALA B 315 -10.68 57.17 8.31
N GLN B 316 -10.07 56.25 9.06
CA GLN B 316 -9.56 56.56 10.39
C GLN B 316 -8.40 57.56 10.40
N TYR B 317 -7.44 57.40 9.51
CA TYR B 317 -6.33 58.35 9.43
C TYR B 317 -6.78 59.71 8.88
N GLN B 318 -7.74 59.71 7.95
CA GLN B 318 -8.33 60.94 7.42
C GLN B 318 -9.04 61.74 8.52
N SER B 319 -9.58 61.04 9.52
CA SER B 319 -10.25 61.67 10.65
C SER B 319 -9.28 62.32 11.65
N LEU B 320 -8.14 61.66 11.88
CA LEU B 320 -7.09 62.21 12.73
C LEU B 320 -6.55 63.50 12.10
N LEU B 321 -6.39 63.48 10.78
CA LEU B 321 -6.10 64.68 10.00
C LEU B 321 -7.35 65.56 10.01
N ASN B 322 -7.48 66.35 11.09
CA ASN B 322 -8.68 67.16 11.39
C ASN B 322 -9.44 67.70 10.16
N ARG B 337 1.14 64.38 15.35
CA ARG B 337 0.34 63.28 14.83
C ARG B 337 -0.27 63.56 13.46
N ARG B 338 -0.22 64.83 13.04
CA ARG B 338 -0.82 65.26 11.77
C ARG B 338 -0.01 64.78 10.55
N LYS B 339 1.32 64.73 10.69
CA LYS B 339 2.18 64.16 9.65
C LYS B 339 2.03 62.64 9.58
N GLU B 340 1.96 62.00 10.74
CA GLU B 340 1.70 60.55 10.83
C GLU B 340 0.50 60.13 9.98
N ALA B 341 -0.60 60.87 10.10
CA ALA B 341 -1.82 60.59 9.35
C ALA B 341 -1.65 60.80 7.84
N ALA B 342 -0.97 61.87 7.47
CA ALA B 342 -0.76 62.22 6.06
C ALA B 342 0.06 61.18 5.30
N ASP B 343 1.18 60.76 5.88
CA ASP B 343 2.04 59.73 5.29
C ASP B 343 1.30 58.40 5.16
N MET B 344 0.53 58.05 6.19
CA MET B 344 -0.24 56.81 6.19
C MET B 344 -1.32 56.81 5.14
N LEU B 345 -2.01 57.94 4.98
CA LEU B 345 -3.03 58.08 3.94
C LEU B 345 -2.47 57.85 2.55
N LYS B 346 -1.30 58.42 2.26
CA LYS B 346 -0.67 58.22 0.97
C LYS B 346 -0.22 56.77 0.79
N ALA B 347 0.33 56.17 1.85
CA ALA B 347 0.71 54.75 1.82
C ALA B 347 -0.50 53.86 1.58
N LEU B 348 -1.65 54.23 2.15
CA LEU B 348 -2.88 53.47 1.97
C LEU B 348 -3.47 53.65 0.57
N GLN B 349 -3.32 54.85 0.01
CA GLN B 349 -3.64 55.09 -1.40
C GLN B 349 -2.83 54.16 -2.29
N GLY B 350 -1.52 54.06 -1.98
CA GLY B 350 -0.64 53.12 -2.68
C GLY B 350 -1.10 51.68 -2.55
N ALA B 351 -1.47 51.30 -1.34
CA ALA B 351 -1.95 49.94 -1.06
C ALA B 351 -3.18 49.59 -1.90
N SER B 352 -4.12 50.53 -2.01
CA SER B 352 -5.33 50.31 -2.81
C SER B 352 -4.99 50.07 -4.29
N GLN B 353 -4.02 50.82 -4.80
CA GLN B 353 -3.52 50.62 -6.16
C GLN B 353 -2.88 49.24 -6.36
N ILE B 354 -2.10 48.82 -5.37
CA ILE B 354 -1.45 47.51 -5.42
C ILE B 354 -2.46 46.36 -5.48
N ILE B 355 -3.57 46.47 -4.74
CA ILE B 355 -4.60 45.41 -4.76
C ILE B 355 -5.17 45.16 -6.16
N ALA B 356 -5.49 46.24 -6.86
CA ALA B 356 -6.02 46.14 -8.22
C ALA B 356 -4.99 45.50 -9.13
N GLU B 357 -3.72 45.88 -8.97
CA GLU B 357 -2.63 45.26 -9.72
C GLU B 357 -2.57 43.74 -9.48
N ILE B 358 -2.63 43.33 -8.21
CA ILE B 358 -2.56 41.91 -7.86
C ILE B 358 -3.74 41.14 -8.47
N ARG B 359 -4.93 41.73 -8.37
CA ARG B 359 -6.15 41.15 -8.93
C ARG B 359 -5.99 40.84 -10.41
N GLU B 360 -5.40 41.79 -11.14
CA GLU B 360 -5.28 41.71 -12.59
C GLU B 360 -4.03 40.98 -13.08
N THR B 361 -3.27 40.43 -12.14
CA THR B 361 -2.08 39.65 -12.46
C THR B 361 -2.48 38.21 -12.76
N HIS B 362 -2.05 37.72 -13.91
CA HIS B 362 -2.23 36.31 -14.24
C HIS B 362 -0.87 35.68 -14.48
N LEU B 363 -0.67 34.49 -13.91
CA LEU B 363 0.59 33.78 -14.03
C LEU B 363 0.76 33.20 -15.44
N TRP B 364 2.00 33.17 -15.93
CA TRP B 364 2.31 32.53 -17.21
C TRP B 364 2.27 31.01 -17.11
#